data_5WYL
#
_entry.id   5WYL
#
_cell.length_a   98.309
_cell.length_b   98.309
_cell.length_c   235.653
_cell.angle_alpha   90.000
_cell.angle_beta   90.000
_cell.angle_gamma   90.000
#
_symmetry.space_group_name_H-M   'P 41 21 2'
#
loop_
_entity.id
_entity.type
_entity.pdbx_description
1 polymer 'Putative uncharacterized protein'
2 polymer 'Putative uncharacterized protein'
3 water water
#
loop_
_entity_poly.entity_id
_entity_poly.type
_entity_poly.pdbx_seq_one_letter_code
_entity_poly.pdbx_strand_id
1 'polypeptide(L)'
;MASSLAQQLAQIAANSRSSFNVKALKASHSKSLIWEPRVAVSQTFAEIYSQCYEGFKELCHLDSRFVPFDATLFSAQSQE
VDRTQMTAEENAALDKRVDSFLHLVGSRLRLMPAIKAVEWLIRRFRIHEFNTGTLLATFLPYHTIPAFVTLLSILPVQRI
PIEYRFLDPYIKSLTPPPRAAIVQQATNRPDLLSAISRYTLDSCRAKQEYPGLISFWGGIMAEAVNGMIDKMRSGRRAIQ
LENDHLLLQQIGPVLSEAMVMKDVPGIQIASYMVVAILAAKGSLNDNILTAFMEQLVHGWTVDTLRPGLVCLTMLAQHRS
AKQLSGRVAKAVIKVPDLVSSLRDISKEHQVDKLANGLVLAFVDRLAKKGDIRTLPVINSLLLSELLQEKQAKVAYKALL
LAAHKIDDNVDADGNIRKQVGSALVRLSQAEGDVGDAIRTAIQEVDFNIEELELKLGAAIRPKLAIEEAPE
;
A,C
2 'polypeptide(L)' DLDMEDNEDTHAVVVAPQRLAEIFNAAPAFAMPPIEDVFYQVASLFSTKPVINA B,D
#
# COMPACT_ATOMS: atom_id res chain seq x y z
N ALA A 27 33.70 -43.14 9.42
CA ALA A 27 33.18 -42.66 10.71
C ALA A 27 31.83 -41.92 10.52
N SER A 28 31.74 -40.68 11.01
CA SER A 28 30.65 -39.80 10.59
C SER A 28 30.93 -39.19 9.22
N HIS A 29 32.08 -39.51 8.63
CA HIS A 29 32.47 -39.01 7.33
C HIS A 29 31.71 -39.68 6.20
N SER A 30 31.06 -40.81 6.47
CA SER A 30 30.34 -41.56 5.45
C SER A 30 28.92 -41.05 5.22
N LYS A 31 28.37 -40.28 6.15
CA LYS A 31 27.05 -39.73 5.95
C LYS A 31 27.10 -38.68 4.84
N SER A 32 26.25 -38.83 3.83
CA SER A 32 26.26 -37.93 2.68
C SER A 32 24.91 -37.97 1.98
N LEU A 33 24.51 -36.85 1.38
CA LEU A 33 23.30 -36.83 0.56
C LEU A 33 23.51 -37.41 -0.83
N ILE A 34 24.76 -37.53 -1.29
CA ILE A 34 25.08 -37.70 -2.69
C ILE A 34 25.83 -39.01 -2.95
N TRP A 35 26.86 -39.28 -2.15
CA TRP A 35 27.66 -40.48 -2.32
C TRP A 35 27.31 -41.54 -1.28
N GLU A 36 27.28 -42.79 -1.72
CA GLU A 36 26.91 -43.90 -0.85
C GLU A 36 28.02 -44.16 0.16
N PRO A 37 27.70 -44.76 1.31
CA PRO A 37 28.70 -44.85 2.40
C PRO A 37 30.05 -45.42 1.98
N ARG A 38 30.07 -46.47 1.14
CA ARG A 38 31.35 -47.06 0.75
C ARG A 38 32.21 -46.08 -0.03
N VAL A 39 31.60 -45.17 -0.80
CA VAL A 39 32.35 -44.15 -1.55
C VAL A 39 32.71 -42.98 -0.65
N ALA A 40 31.74 -42.55 0.18
CA ALA A 40 31.87 -41.33 0.98
C ALA A 40 32.96 -41.44 2.05
N VAL A 41 33.12 -42.62 2.63
CA VAL A 41 34.12 -42.84 3.69
C VAL A 41 35.53 -42.57 3.19
N SER A 42 35.82 -42.86 1.93
CA SER A 42 37.16 -42.70 1.41
C SER A 42 37.46 -41.29 0.87
N GLN A 43 36.45 -40.43 0.68
CA GLN A 43 36.68 -39.14 0.05
C GLN A 43 37.52 -38.23 0.93
N THR A 44 38.43 -37.49 0.29
CA THR A 44 39.11 -36.37 0.91
C THR A 44 38.26 -35.10 0.85
N PHE A 45 38.56 -34.15 1.73
CA PHE A 45 37.79 -32.90 1.70
C PHE A 45 38.04 -32.11 0.41
N ALA A 46 39.24 -32.24 -0.18
CA ALA A 46 39.50 -31.61 -1.47
C ALA A 46 38.58 -32.18 -2.54
N GLU A 47 38.38 -33.51 -2.57
CA GLU A 47 37.49 -34.13 -3.54
C GLU A 47 36.08 -33.59 -3.40
N ILE A 48 35.55 -33.69 -2.18
CA ILE A 48 34.21 -33.18 -1.86
C ILE A 48 34.09 -31.72 -2.25
N TYR A 49 35.11 -30.91 -1.90
CA TYR A 49 35.03 -29.47 -2.11
C TYR A 49 34.95 -29.12 -3.59
N SER A 50 35.88 -29.64 -4.39
CA SER A 50 35.88 -29.28 -5.81
C SER A 50 34.60 -29.77 -6.50
N GLN A 51 33.99 -30.85 -6.03
CA GLN A 51 32.74 -31.27 -6.68
C GLN A 51 31.55 -30.44 -6.20
N CYS A 52 31.44 -30.21 -4.89
CA CYS A 52 30.35 -29.39 -4.38
C CYS A 52 30.51 -27.92 -4.78
N TYR A 53 31.75 -27.41 -4.87
CA TYR A 53 31.90 -26.02 -5.24
C TYR A 53 31.26 -25.74 -6.60
N GLU A 54 31.33 -26.70 -7.52
CA GLU A 54 30.71 -26.50 -8.83
C GLU A 54 29.21 -26.31 -8.72
N GLY A 55 28.55 -27.03 -7.80
CA GLY A 55 27.14 -26.82 -7.59
C GLY A 55 26.82 -25.43 -7.05
N PHE A 56 27.67 -24.94 -6.13
CA PHE A 56 27.49 -23.60 -5.56
C PHE A 56 27.68 -22.53 -6.62
N LYS A 57 28.68 -22.67 -7.49
CA LYS A 57 28.86 -21.62 -8.51
C LYS A 57 27.75 -21.66 -9.54
N GLU A 58 27.19 -22.84 -9.80
CA GLU A 58 25.99 -22.86 -10.62
C GLU A 58 24.80 -22.20 -9.91
N LEU A 59 24.75 -22.23 -8.57
CA LEU A 59 23.69 -21.50 -7.88
C LEU A 59 23.94 -20.00 -7.94
N CYS A 60 25.22 -19.59 -7.99
CA CYS A 60 25.56 -18.18 -8.10
C CYS A 60 25.11 -17.62 -9.44
N HIS A 61 25.35 -18.36 -10.51
CA HIS A 61 24.89 -17.95 -11.83
C HIS A 61 23.38 -17.72 -11.84
N LEU A 62 22.62 -18.41 -11.00
CA LEU A 62 21.16 -18.27 -10.96
C LEU A 62 20.68 -17.16 -10.03
N ASP A 63 21.46 -16.77 -9.02
CA ASP A 63 20.95 -15.90 -7.97
C ASP A 63 22.15 -15.33 -7.23
N SER A 64 22.44 -14.05 -7.50
CA SER A 64 23.58 -13.33 -6.94
C SER A 64 23.61 -13.33 -5.42
N ARG A 65 22.46 -13.57 -4.76
CA ARG A 65 22.46 -13.54 -3.30
C ARG A 65 23.36 -14.61 -2.70
N PHE A 66 23.71 -15.63 -3.50
CA PHE A 66 24.62 -16.66 -3.01
C PHE A 66 26.06 -16.19 -2.98
N VAL A 67 26.39 -15.16 -3.79
CA VAL A 67 27.80 -14.78 -3.96
C VAL A 67 28.47 -14.37 -2.66
N PRO A 68 27.83 -13.67 -1.73
CA PRO A 68 28.50 -13.40 -0.43
C PRO A 68 29.14 -14.63 0.21
N PHE A 69 28.44 -15.76 0.20
CA PHE A 69 28.95 -16.97 0.82
C PHE A 69 30.18 -17.52 0.14
N ASP A 70 30.51 -17.04 -1.07
CA ASP A 70 31.75 -17.43 -1.72
C ASP A 70 32.97 -17.07 -0.91
N ALA A 71 32.87 -16.11 0.00
CA ALA A 71 34.00 -15.72 0.82
C ALA A 71 34.01 -16.39 2.19
N THR A 72 32.91 -17.05 2.58
CA THR A 72 32.80 -17.67 3.89
C THR A 72 32.58 -19.19 3.74
N LEU A 73 31.31 -19.63 3.64
CA LEU A 73 31.01 -21.06 3.70
C LEU A 73 31.64 -21.86 2.56
N PHE A 74 31.85 -21.25 1.40
CA PHE A 74 32.31 -22.00 0.24
C PHE A 74 33.65 -21.53 -0.25
N SER A 75 34.37 -20.73 0.54
CA SER A 75 35.68 -20.26 0.14
C SER A 75 36.70 -21.38 0.19
N ALA A 76 37.87 -21.13 -0.40
CA ALA A 76 38.94 -22.12 -0.39
C ALA A 76 39.39 -22.46 1.03
N GLN A 77 39.54 -21.44 1.89
CA GLN A 77 39.90 -21.68 3.30
C GLN A 77 39.01 -22.71 3.97
N SER A 78 37.72 -22.78 3.58
CA SER A 78 36.74 -23.59 4.30
C SER A 78 37.07 -25.08 4.30
N GLN A 79 37.80 -25.57 3.28
CA GLN A 79 38.08 -27.01 3.23
C GLN A 79 38.81 -27.49 4.46
N GLU A 80 39.55 -26.61 5.12
CA GLU A 80 40.38 -27.01 6.25
C GLU A 80 39.77 -26.69 7.62
N VAL A 81 38.65 -25.96 7.65
CA VAL A 81 38.11 -25.41 8.90
C VAL A 81 37.61 -26.54 9.78
N ASP A 82 38.12 -26.62 11.00
CA ASP A 82 37.70 -27.61 11.99
C ASP A 82 36.88 -26.91 13.07
N ARG A 83 35.58 -27.20 13.06
CA ARG A 83 34.62 -26.56 13.95
C ARG A 83 35.00 -26.69 15.43
N THR A 84 35.61 -27.80 15.82
CA THR A 84 35.85 -28.02 17.23
C THR A 84 36.93 -27.11 17.80
N GLN A 85 37.68 -26.40 16.96
CA GLN A 85 38.70 -25.46 17.41
C GLN A 85 38.19 -24.03 17.46
N MET A 86 36.90 -23.82 17.31
CA MET A 86 36.32 -22.49 17.37
C MET A 86 35.79 -22.23 18.77
N THR A 87 35.85 -20.97 19.18
CA THR A 87 35.28 -20.57 20.45
C THR A 87 33.75 -20.68 20.40
N ALA A 88 33.10 -20.27 21.50
CA ALA A 88 31.65 -20.35 21.54
C ALA A 88 31.02 -19.26 20.70
N GLU A 89 31.67 -18.09 20.57
CA GLU A 89 31.13 -17.07 19.66
C GLU A 89 31.35 -17.47 18.21
N GLU A 90 32.57 -17.91 17.90
CA GLU A 90 32.88 -18.29 16.53
C GLU A 90 31.94 -19.38 16.03
N ASN A 91 31.61 -20.38 16.88
CA ASN A 91 30.61 -21.37 16.49
C ASN A 91 29.26 -20.71 16.26
N ALA A 92 28.84 -19.83 17.17
CA ALA A 92 27.54 -19.17 17.02
C ALA A 92 27.48 -18.29 15.78
N ALA A 93 28.59 -17.66 15.39
CA ALA A 93 28.59 -16.90 14.14
C ALA A 93 28.53 -17.84 12.93
N LEU A 94 29.24 -18.97 13.00
CA LEU A 94 29.14 -19.97 11.95
C LEU A 94 27.71 -20.49 11.84
N ASP A 95 27.08 -20.76 13.00
CA ASP A 95 25.70 -21.22 12.99
C ASP A 95 24.79 -20.23 12.26
N LYS A 96 25.03 -18.92 12.40
CA LYS A 96 24.15 -17.94 11.79
C LYS A 96 24.31 -17.90 10.28
N ARG A 97 25.56 -17.97 9.80
CA ARG A 97 25.82 -18.06 8.36
C ARG A 97 25.18 -19.29 7.74
N VAL A 98 25.20 -20.40 8.47
CA VAL A 98 24.64 -21.64 7.95
C VAL A 98 23.13 -21.52 7.90
N ASP A 99 22.53 -20.98 8.96
CA ASP A 99 21.08 -20.82 8.99
C ASP A 99 20.64 -19.88 7.88
N SER A 100 21.41 -18.82 7.64
CA SER A 100 21.09 -17.89 6.56
C SER A 100 21.14 -18.59 5.20
N PHE A 101 22.23 -19.32 4.93
CA PHE A 101 22.33 -20.05 3.68
C PHE A 101 21.18 -21.02 3.51
N LEU A 102 20.82 -21.73 4.57
CA LEU A 102 19.74 -22.70 4.45
C LEU A 102 18.44 -22.02 4.04
N HIS A 103 18.15 -20.84 4.59
CA HIS A 103 16.95 -20.12 4.17
C HIS A 103 17.02 -19.75 2.70
N LEU A 104 18.21 -19.35 2.24
CA LEU A 104 18.37 -18.95 0.86
C LEU A 104 18.27 -20.13 -0.09
N VAL A 105 18.94 -21.24 0.21
CA VAL A 105 18.95 -22.34 -0.74
C VAL A 105 17.62 -23.08 -0.80
N GLY A 106 16.70 -22.79 0.15
CA GLY A 106 15.50 -23.61 0.27
C GLY A 106 14.63 -23.65 -0.97
N SER A 107 14.71 -22.59 -1.81
CA SER A 107 13.87 -22.56 -3.00
C SER A 107 14.37 -23.48 -4.10
N ARG A 108 15.55 -24.05 -3.96
CA ARG A 108 16.12 -24.78 -5.09
C ARG A 108 16.50 -26.21 -4.73
N LEU A 109 15.91 -26.77 -3.68
CA LEU A 109 16.35 -28.09 -3.28
C LEU A 109 15.91 -29.19 -4.23
N ARG A 110 15.07 -28.88 -5.23
CA ARG A 110 14.82 -29.87 -6.29
C ARG A 110 15.99 -29.96 -7.27
N LEU A 111 16.89 -28.98 -7.29
CA LEU A 111 18.04 -28.96 -8.20
C LEU A 111 19.25 -29.62 -7.56
N MET A 112 19.99 -30.39 -8.38
CA MET A 112 21.19 -31.05 -7.87
C MET A 112 22.26 -30.09 -7.37
N PRO A 113 22.54 -28.95 -8.03
CA PRO A 113 23.54 -28.03 -7.44
C PRO A 113 23.18 -27.55 -6.05
N ALA A 114 21.89 -27.42 -5.72
CA ALA A 114 21.56 -27.01 -4.36
C ALA A 114 21.92 -28.12 -3.37
N ILE A 115 21.57 -29.35 -3.73
CA ILE A 115 21.89 -30.50 -2.89
C ILE A 115 23.38 -30.60 -2.71
N LYS A 116 24.14 -30.25 -3.76
CA LYS A 116 25.60 -30.27 -3.67
C LYS A 116 26.11 -29.21 -2.68
N ALA A 117 25.48 -28.03 -2.65
CA ALA A 117 25.90 -27.00 -1.72
C ALA A 117 25.59 -27.41 -0.27
N VAL A 118 24.37 -27.90 -0.03
CA VAL A 118 24.04 -28.42 1.29
C VAL A 118 25.00 -29.55 1.66
N GLU A 119 25.30 -30.42 0.70
CA GLU A 119 26.26 -31.49 0.92
C GLU A 119 27.55 -30.96 1.53
N TRP A 120 28.09 -29.85 0.98
CA TRP A 120 29.32 -29.27 1.50
C TRP A 120 29.17 -28.89 2.96
N LEU A 121 28.07 -28.22 3.31
CA LEU A 121 27.83 -27.83 4.70
C LEU A 121 27.71 -29.07 5.60
N ILE A 122 27.08 -30.13 5.09
CA ILE A 122 26.99 -31.34 5.90
C ILE A 122 28.36 -31.97 6.07
N ARG A 123 29.15 -32.07 5.00
CA ARG A 123 30.39 -32.82 5.14
C ARG A 123 31.43 -32.04 5.92
N ARG A 124 31.48 -30.72 5.73
CA ARG A 124 32.57 -29.94 6.28
C ARG A 124 32.25 -29.28 7.61
N PHE A 125 31.04 -28.77 7.82
CA PHE A 125 30.62 -28.20 9.09
C PHE A 125 29.57 -29.06 9.82
N ARG A 126 29.30 -30.27 9.35
CA ARG A 126 28.44 -31.18 10.10
C ARG A 126 27.13 -30.52 10.50
N ILE A 127 26.55 -29.72 9.59
CA ILE A 127 25.32 -29.02 9.93
C ILE A 127 24.15 -29.97 10.20
N HIS A 128 24.29 -31.25 9.89
CA HIS A 128 23.24 -32.16 10.30
C HIS A 128 23.33 -32.48 11.79
N GLU A 129 24.40 -32.08 12.45
CA GLU A 129 24.55 -32.17 13.90
C GLU A 129 24.26 -30.83 14.58
N PHE A 130 24.86 -29.73 14.10
CA PHE A 130 24.78 -28.45 14.78
C PHE A 130 23.62 -27.56 14.34
N ASN A 131 22.85 -27.97 13.33
CA ASN A 131 21.80 -27.14 12.76
C ASN A 131 20.62 -27.97 12.34
N THR A 132 20.38 -29.08 13.04
CA THR A 132 19.50 -30.09 12.48
C THR A 132 18.05 -29.60 12.47
N GLY A 133 17.67 -28.67 13.34
CA GLY A 133 16.33 -28.11 13.28
C GLY A 133 16.11 -27.25 12.04
N THR A 134 17.04 -26.34 11.76
CA THR A 134 16.96 -25.52 10.56
C THR A 134 17.01 -26.38 9.29
N LEU A 135 17.97 -27.33 9.22
CA LEU A 135 18.02 -28.29 8.11
C LEU A 135 16.69 -28.97 7.87
N LEU A 136 16.08 -29.50 8.93
CA LEU A 136 14.84 -30.22 8.77
C LEU A 136 13.71 -29.32 8.29
N ALA A 137 13.60 -28.12 8.83
CA ALA A 137 12.51 -27.23 8.42
C ALA A 137 12.71 -26.81 6.97
N THR A 138 13.97 -26.59 6.57
CA THR A 138 14.28 -26.26 5.19
C THR A 138 13.81 -27.35 4.25
N PHE A 139 14.00 -28.60 4.63
CA PHE A 139 13.61 -29.66 3.72
C PHE A 139 12.15 -30.01 3.80
N LEU A 140 11.47 -29.57 4.86
CA LEU A 140 10.15 -30.10 5.15
C LEU A 140 9.14 -29.85 4.03
N PRO A 141 9.06 -28.66 3.40
CA PRO A 141 8.12 -28.49 2.26
C PRO A 141 8.35 -29.43 1.09
N TYR A 142 9.51 -30.09 1.04
CA TYR A 142 9.85 -31.06 0.00
C TYR A 142 9.71 -32.51 0.49
N HIS A 143 8.91 -32.74 1.53
CA HIS A 143 8.91 -34.03 2.19
C HIS A 143 8.46 -35.18 1.29
N THR A 144 8.01 -34.92 0.07
CA THR A 144 7.59 -35.97 -0.84
C THR A 144 8.65 -36.34 -1.87
N ILE A 145 9.80 -35.66 -1.88
CA ILE A 145 10.80 -35.98 -2.89
C ILE A 145 11.85 -36.91 -2.30
N PRO A 146 12.49 -37.75 -3.14
CA PRO A 146 13.47 -38.72 -2.63
C PRO A 146 14.57 -38.13 -1.77
N ALA A 147 14.98 -36.90 -2.09
CA ALA A 147 16.03 -36.25 -1.33
C ALA A 147 15.66 -36.14 0.15
N PHE A 148 14.38 -36.03 0.47
CA PHE A 148 14.01 -35.85 1.86
C PHE A 148 14.23 -37.14 2.63
N VAL A 149 13.81 -38.28 2.06
CA VAL A 149 14.15 -39.56 2.66
C VAL A 149 15.66 -39.74 2.75
N THR A 150 16.41 -39.20 1.80
CA THR A 150 17.84 -39.35 1.90
C THR A 150 18.40 -38.52 3.05
N LEU A 151 17.84 -37.32 3.28
CA LEU A 151 18.28 -36.56 4.44
C LEU A 151 17.97 -37.34 5.71
N LEU A 152 16.73 -37.81 5.85
CA LEU A 152 16.34 -38.54 7.05
C LEU A 152 17.33 -39.66 7.34
N SER A 153 17.82 -40.32 6.29
CA SER A 153 18.70 -41.47 6.50
C SER A 153 20.08 -41.12 7.04
N ILE A 154 20.45 -39.84 7.13
CA ILE A 154 21.74 -39.49 7.70
C ILE A 154 21.62 -38.59 8.92
N LEU A 155 20.43 -38.25 9.35
CA LEU A 155 20.36 -37.40 10.53
C LEU A 155 20.80 -38.21 11.75
N PRO A 156 21.64 -37.66 12.60
CA PRO A 156 21.86 -38.30 13.89
C PRO A 156 20.62 -38.12 14.74
N VAL A 157 19.89 -39.21 14.97
CA VAL A 157 18.63 -39.17 15.73
C VAL A 157 18.82 -38.43 17.06
N GLN A 158 19.95 -38.63 17.72
CA GLN A 158 20.13 -37.98 19.01
C GLN A 158 20.02 -36.47 18.93
N ARG A 159 20.12 -35.88 17.74
CA ARG A 159 20.08 -34.44 17.64
C ARG A 159 18.79 -33.94 17.01
N ILE A 160 17.88 -34.83 16.60
CA ILE A 160 16.60 -34.39 16.04
C ILE A 160 15.76 -33.75 17.14
N PRO A 161 15.26 -32.52 16.96
CA PRO A 161 14.52 -31.86 18.05
C PRO A 161 13.22 -32.58 18.36
N ILE A 162 12.77 -32.44 19.62
CA ILE A 162 11.58 -33.16 20.07
C ILE A 162 10.42 -33.01 19.09
N GLU A 163 10.21 -31.80 18.57
CA GLU A 163 9.04 -31.51 17.75
C GLU A 163 9.07 -32.19 16.37
N TYR A 164 10.18 -32.82 15.99
CA TYR A 164 10.28 -33.55 14.74
C TYR A 164 10.39 -35.06 14.94
N ARG A 165 10.23 -35.56 16.18
CA ARG A 165 10.39 -36.99 16.39
C ARG A 165 9.18 -37.80 15.93
N PHE A 166 8.09 -37.16 15.49
CA PHE A 166 7.03 -37.90 14.79
C PHE A 166 7.53 -38.52 13.49
N LEU A 167 8.69 -38.06 12.98
CA LEU A 167 9.28 -38.58 11.75
C LEU A 167 9.92 -39.95 11.93
N ASP A 168 10.00 -40.45 13.17
CA ASP A 168 10.69 -41.71 13.48
C ASP A 168 10.23 -42.89 12.63
N PRO A 169 8.94 -43.13 12.40
CA PRO A 169 8.58 -44.29 11.56
C PRO A 169 9.09 -44.17 10.13
N TYR A 170 9.13 -42.95 9.58
CA TYR A 170 9.63 -42.80 8.23
C TYR A 170 11.15 -42.93 8.18
N ILE A 171 11.84 -42.62 9.27
CA ILE A 171 13.28 -42.82 9.30
C ILE A 171 13.62 -44.32 9.29
N LYS A 172 12.81 -45.14 9.95
CA LYS A 172 13.10 -46.57 9.98
C LYS A 172 12.69 -47.24 8.67
N SER A 173 11.54 -46.87 8.10
CA SER A 173 11.07 -47.50 6.87
C SER A 173 11.66 -46.87 5.60
N LEU A 174 12.35 -45.75 5.71
CA LEU A 174 12.88 -44.96 4.58
C LEU A 174 11.83 -44.75 3.49
N THR A 175 10.66 -44.24 3.90
CA THR A 175 9.61 -43.88 2.97
C THR A 175 9.13 -42.45 3.23
N PRO A 176 8.56 -41.79 2.22
CA PRO A 176 8.14 -40.37 2.40
C PRO A 176 6.98 -40.25 3.37
N PRO A 177 7.04 -39.30 4.29
CA PRO A 177 5.89 -39.05 5.15
C PRO A 177 4.73 -38.47 4.36
N PRO A 178 3.57 -39.12 4.39
CA PRO A 178 2.39 -38.52 3.77
C PRO A 178 2.10 -37.15 4.36
N ARG A 179 1.38 -36.34 3.59
CA ARG A 179 1.09 -34.99 4.03
C ARG A 179 0.15 -34.99 5.24
N ALA A 180 -0.70 -36.01 5.36
CA ALA A 180 -1.60 -36.05 6.51
C ALA A 180 -0.90 -36.46 7.81
N ALA A 181 0.32 -37.00 7.74
CA ALA A 181 1.11 -37.18 8.96
C ALA A 181 1.59 -35.86 9.50
N ILE A 182 2.10 -35.00 8.62
CA ILE A 182 2.55 -33.67 9.05
C ILE A 182 1.38 -32.87 9.62
N VAL A 183 0.26 -32.83 8.89
CA VAL A 183 -0.93 -32.10 9.33
C VAL A 183 -1.33 -32.55 10.72
N GLN A 184 -1.51 -33.87 10.89
CA GLN A 184 -2.02 -34.45 12.12
C GLN A 184 -1.07 -34.21 13.30
N GLN A 185 0.24 -34.24 13.06
CA GLN A 185 1.15 -33.90 14.15
C GLN A 185 1.08 -32.42 14.49
N ALA A 186 0.97 -31.55 13.48
CA ALA A 186 0.89 -30.11 13.76
C ALA A 186 -0.44 -29.75 14.42
N THR A 187 -1.54 -30.37 14.00
CA THR A 187 -2.83 -30.22 14.68
C THR A 187 -2.72 -30.55 16.17
N ASN A 188 -2.12 -31.71 16.50
CA ASN A 188 -2.08 -32.28 17.85
C ASN A 188 -0.94 -31.76 18.72
N ARG A 189 0.15 -31.27 18.13
CA ARG A 189 1.32 -30.87 18.91
C ARG A 189 1.78 -29.49 18.41
N PRO A 190 1.41 -28.42 19.12
CA PRO A 190 1.70 -27.06 18.64
C PRO A 190 3.16 -26.74 18.38
N ASP A 191 4.10 -27.51 18.95
CA ASP A 191 5.50 -27.14 18.84
C ASP A 191 6.04 -27.36 17.43
N LEU A 192 5.45 -28.28 16.66
CA LEU A 192 5.80 -28.38 15.25
C LEU A 192 5.25 -27.19 14.50
N LEU A 193 3.96 -26.91 14.69
CA LEU A 193 3.31 -25.74 14.12
C LEU A 193 4.09 -24.47 14.44
N SER A 194 4.44 -24.28 15.70
CA SER A 194 5.21 -23.09 16.06
C SER A 194 6.55 -23.10 15.35
N ALA A 195 7.09 -24.28 15.04
CA ALA A 195 8.42 -24.37 14.45
C ALA A 195 8.39 -24.12 12.94
N ILE A 196 7.37 -24.65 12.26
CA ILE A 196 7.15 -24.29 10.86
C ILE A 196 6.91 -22.80 10.73
N SER A 197 6.08 -22.22 11.61
CA SER A 197 5.75 -20.80 11.48
C SER A 197 6.98 -19.93 11.69
N ARG A 198 7.72 -20.18 12.77
CA ARG A 198 8.91 -19.39 13.03
C ARG A 198 9.86 -19.41 11.82
N TYR A 199 10.11 -20.59 11.25
CA TYR A 199 11.01 -20.66 10.10
C TYR A 199 10.46 -19.87 8.93
N THR A 200 9.19 -20.12 8.57
CA THR A 200 8.57 -19.40 7.46
C THR A 200 8.72 -17.89 7.61
N LEU A 201 8.47 -17.36 8.82
CA LEU A 201 8.49 -15.92 9.03
C LEU A 201 9.91 -15.36 9.03
N ASP A 202 10.89 -16.14 9.50
CA ASP A 202 12.27 -15.66 9.42
C ASP A 202 12.69 -15.52 7.97
N SER A 203 12.23 -16.45 7.13
CA SER A 203 12.44 -16.38 5.69
C SER A 203 11.85 -15.10 5.11
N CYS A 204 10.55 -14.88 5.33
CA CYS A 204 9.90 -13.66 4.87
C CYS A 204 10.64 -12.41 5.31
N ARG A 205 10.89 -12.26 6.64
CA ARG A 205 11.63 -11.11 7.15
C ARG A 205 12.96 -10.92 6.42
N ALA A 206 13.61 -12.01 6.02
CA ALA A 206 14.90 -11.93 5.34
C ALA A 206 14.75 -11.87 3.82
N LYS A 207 13.53 -11.81 3.31
CA LYS A 207 13.25 -11.84 1.87
C LYS A 207 13.94 -13.02 1.19
N GLN A 208 13.84 -14.18 1.83
CA GLN A 208 14.32 -15.45 1.29
C GLN A 208 13.19 -16.45 1.07
N GLU A 209 11.96 -16.01 1.26
CA GLU A 209 10.79 -16.84 1.03
C GLU A 209 10.67 -17.19 -0.47
N TYR A 210 9.81 -18.16 -0.75
CA TYR A 210 9.55 -18.62 -2.10
C TYR A 210 8.18 -19.25 -2.12
N PRO A 211 7.55 -19.39 -3.28
CA PRO A 211 6.13 -19.78 -3.30
C PRO A 211 5.84 -21.07 -2.54
N GLY A 212 6.62 -22.12 -2.76
CA GLY A 212 6.37 -23.39 -2.10
C GLY A 212 6.39 -23.30 -0.58
N LEU A 213 7.25 -22.43 -0.04
CA LEU A 213 7.28 -22.21 1.40
C LEU A 213 6.01 -21.54 1.87
N ILE A 214 5.53 -20.55 1.12
CA ILE A 214 4.29 -19.87 1.52
C ILE A 214 3.10 -20.81 1.41
N SER A 215 3.03 -21.60 0.34
CA SER A 215 1.90 -22.51 0.22
C SER A 215 1.93 -23.58 1.30
N PHE A 216 3.13 -24.10 1.61
CA PHE A 216 3.25 -25.18 2.59
C PHE A 216 2.84 -24.72 3.97
N TRP A 217 3.39 -23.60 4.44
CA TRP A 217 2.97 -23.06 5.73
C TRP A 217 1.48 -22.72 5.72
N GLY A 218 0.94 -22.33 4.56
CA GLY A 218 -0.47 -21.98 4.50
C GLY A 218 -1.37 -23.19 4.67
N GLY A 219 -1.07 -24.27 3.94
CA GLY A 219 -1.88 -25.48 4.05
C GLY A 219 -1.77 -26.16 5.42
N ILE A 220 -0.55 -26.25 5.95
CA ILE A 220 -0.36 -26.81 7.29
C ILE A 220 -1.12 -25.98 8.32
N MET A 221 -1.01 -24.64 8.23
CA MET A 221 -1.69 -23.80 9.22
C MET A 221 -3.20 -23.87 9.06
N ALA A 222 -3.70 -23.96 7.83
CA ALA A 222 -5.15 -24.04 7.62
C ALA A 222 -5.70 -25.35 8.17
N GLU A 223 -5.22 -26.49 7.66
CA GLU A 223 -5.69 -27.79 8.12
C GLU A 223 -5.56 -27.93 9.63
N ALA A 224 -4.43 -27.47 10.19
CA ALA A 224 -4.19 -27.67 11.61
C ALA A 224 -5.21 -26.90 12.44
N VAL A 225 -5.35 -25.59 12.17
CA VAL A 225 -6.27 -24.76 12.93
C VAL A 225 -7.71 -25.22 12.73
N ASN A 226 -8.05 -25.67 11.52
CA ASN A 226 -9.37 -26.28 11.34
C ASN A 226 -9.53 -27.49 12.24
N GLY A 227 -8.49 -28.32 12.33
CA GLY A 227 -8.43 -29.43 13.26
C GLY A 227 -8.54 -29.02 14.72
N MET A 228 -7.59 -28.19 15.19
CA MET A 228 -7.57 -27.72 16.58
C MET A 228 -8.95 -27.31 17.10
N ILE A 229 -9.74 -26.64 16.26
CA ILE A 229 -11.08 -26.26 16.71
C ILE A 229 -12.08 -27.40 16.53
N ASP A 230 -12.00 -28.13 15.42
CA ASP A 230 -12.96 -29.21 15.16
C ASP A 230 -13.00 -30.20 16.31
N LYS A 231 -11.84 -30.47 16.91
CA LYS A 231 -11.74 -31.45 17.98
C LYS A 231 -12.26 -30.89 19.30
N MET A 232 -12.14 -29.57 19.53
CA MET A 232 -12.52 -28.99 20.81
C MET A 232 -13.99 -28.56 20.85
N ARG A 233 -14.87 -29.28 20.17
CA ARG A 233 -16.31 -29.02 20.24
C ARG A 233 -17.09 -30.34 20.39
N LEU A 248 -4.87 -20.93 21.50
CA LEU A 248 -4.96 -20.26 20.21
C LEU A 248 -4.43 -18.83 20.31
N GLN A 249 -3.99 -18.47 21.51
CA GLN A 249 -3.22 -17.25 21.70
C GLN A 249 -1.73 -17.49 21.51
N GLN A 250 -1.36 -18.65 20.96
CA GLN A 250 0.01 -18.93 20.56
C GLN A 250 0.26 -18.63 19.08
N ILE A 251 -0.75 -18.82 18.23
CA ILE A 251 -0.66 -18.47 16.81
C ILE A 251 -1.23 -17.10 16.48
N GLY A 252 -1.87 -16.44 17.43
CA GLY A 252 -2.31 -15.08 17.26
C GLY A 252 -1.20 -14.19 16.75
N PRO A 253 -0.12 -14.05 17.51
CA PRO A 253 0.98 -13.17 17.08
C PRO A 253 1.61 -13.55 15.73
N VAL A 254 1.39 -14.77 15.24
CA VAL A 254 1.93 -15.16 13.94
C VAL A 254 1.06 -14.64 12.81
N LEU A 255 -0.24 -14.90 12.88
CA LEU A 255 -1.17 -14.36 11.90
C LEU A 255 -1.06 -12.84 11.81
N SER A 256 -0.92 -12.18 12.96
CA SER A 256 -0.85 -10.72 12.98
C SER A 256 0.43 -10.20 12.34
N GLU A 257 1.55 -10.91 12.48
CA GLU A 257 2.78 -10.44 11.86
C GLU A 257 2.75 -10.67 10.36
N ALA A 258 2.13 -11.76 9.94
CA ALA A 258 2.02 -12.07 8.52
C ALA A 258 1.15 -11.03 7.82
N MET A 259 0.06 -10.62 8.46
CA MET A 259 -0.87 -9.66 7.87
C MET A 259 -0.23 -8.29 7.62
N VAL A 260 1.01 -8.08 8.03
CA VAL A 260 1.61 -6.77 7.81
C VAL A 260 2.96 -6.88 7.12
N MET A 261 3.22 -8.00 6.45
CA MET A 261 4.42 -8.14 5.64
C MET A 261 4.12 -7.65 4.23
N LYS A 262 4.11 -6.32 4.10
CA LYS A 262 3.74 -5.70 2.82
C LYS A 262 4.64 -6.15 1.68
N ASP A 263 5.90 -6.50 1.96
CA ASP A 263 6.79 -6.95 0.89
C ASP A 263 6.61 -8.42 0.54
N VAL A 264 5.79 -9.14 1.29
CA VAL A 264 5.50 -10.55 1.00
C VAL A 264 3.99 -10.69 0.89
N PRO A 265 3.41 -10.45 -0.29
CA PRO A 265 1.95 -10.61 -0.41
C PRO A 265 1.45 -12.03 -0.23
N GLY A 266 2.21 -13.04 -0.66
CA GLY A 266 1.78 -14.42 -0.46
C GLY A 266 1.57 -14.77 1.00
N ILE A 267 2.49 -14.33 1.87
CA ILE A 267 2.32 -14.61 3.28
C ILE A 267 1.08 -13.89 3.80
N GLN A 268 0.87 -12.63 3.36
CA GLN A 268 -0.33 -11.90 3.76
C GLN A 268 -1.58 -12.64 3.35
N ILE A 269 -1.69 -13.01 2.07
CA ILE A 269 -2.89 -13.71 1.62
C ILE A 269 -3.04 -15.03 2.35
N ALA A 270 -1.94 -15.80 2.52
CA ALA A 270 -2.05 -17.09 3.17
C ALA A 270 -2.53 -16.93 4.60
N SER A 271 -2.07 -15.90 5.30
CA SER A 271 -2.66 -15.59 6.59
C SER A 271 -4.11 -15.15 6.47
N TYR A 272 -4.55 -14.64 5.31
CA TYR A 272 -5.97 -14.33 5.17
C TYR A 272 -6.82 -15.60 5.16
N MET A 273 -6.32 -16.68 4.54
CA MET A 273 -6.96 -17.99 4.64
C MET A 273 -7.22 -18.39 6.08
N VAL A 274 -6.15 -18.51 6.87
CA VAL A 274 -6.29 -18.96 8.24
C VAL A 274 -7.26 -18.05 9.01
N VAL A 275 -7.04 -16.74 8.95
CA VAL A 275 -7.94 -15.79 9.61
C VAL A 275 -9.37 -15.97 9.10
N ALA A 276 -9.56 -16.36 7.84
CA ALA A 276 -10.90 -16.64 7.36
C ALA A 276 -11.50 -17.82 8.11
N ILE A 277 -10.83 -18.98 8.06
CA ILE A 277 -11.34 -20.21 8.65
C ILE A 277 -11.66 -19.98 10.11
N LEU A 278 -10.72 -19.37 10.85
CA LEU A 278 -10.92 -19.03 12.26
C LEU A 278 -12.29 -18.40 12.48
N ALA A 279 -12.53 -17.24 11.84
CA ALA A 279 -13.78 -16.51 12.05
C ALA A 279 -14.99 -17.31 11.54
N ALA A 280 -14.88 -17.93 10.36
CA ALA A 280 -16.01 -18.65 9.77
C ALA A 280 -16.47 -19.84 10.60
N LYS A 281 -15.75 -20.19 11.66
CA LYS A 281 -16.15 -21.30 12.51
C LYS A 281 -16.34 -20.83 13.95
N GLY A 282 -17.18 -19.82 14.14
CA GLY A 282 -17.61 -19.35 15.44
C GLY A 282 -16.54 -19.21 16.51
N SER A 283 -15.29 -19.32 16.11
CA SER A 283 -14.19 -19.51 17.03
C SER A 283 -13.72 -18.22 17.72
N LEU A 284 -14.25 -17.05 17.38
CA LEU A 284 -13.74 -15.81 17.96
C LEU A 284 -14.86 -14.87 18.38
N ASN A 285 -14.54 -14.03 19.35
CA ASN A 285 -15.46 -13.03 19.89
C ASN A 285 -15.36 -11.72 19.10
N ASP A 286 -16.27 -10.80 19.41
CA ASP A 286 -16.41 -9.60 18.60
C ASP A 286 -15.22 -8.68 18.72
N ASN A 287 -14.60 -8.61 19.90
CA ASN A 287 -13.51 -7.66 20.05
C ASN A 287 -12.25 -8.15 19.34
N ILE A 288 -12.07 -9.46 19.25
CA ILE A 288 -10.89 -9.96 18.56
C ILE A 288 -11.16 -10.04 17.05
N LEU A 289 -12.41 -10.30 16.65
CA LEU A 289 -12.75 -10.16 15.23
C LEU A 289 -12.41 -8.77 14.73
N THR A 290 -12.69 -7.74 15.55
CA THR A 290 -12.40 -6.38 15.15
C THR A 290 -10.91 -6.15 14.99
N ALA A 291 -10.10 -6.68 15.92
CA ALA A 291 -8.66 -6.44 15.86
C ALA A 291 -8.03 -7.12 14.64
N PHE A 292 -8.59 -8.24 14.19
CA PHE A 292 -8.12 -8.86 12.97
C PHE A 292 -8.42 -7.98 11.77
N MET A 293 -9.68 -7.56 11.62
CA MET A 293 -10.06 -6.56 10.63
C MET A 293 -9.16 -5.34 10.70
N GLU A 294 -8.96 -4.80 11.91
CA GLU A 294 -8.11 -3.62 12.03
C GLU A 294 -6.70 -3.91 11.55
N GLN A 295 -6.20 -5.11 11.82
CA GLN A 295 -4.82 -5.45 11.44
C GLN A 295 -4.75 -5.73 9.94
N LEU A 296 -5.74 -6.45 9.42
CA LEU A 296 -5.87 -6.63 7.98
C LEU A 296 -5.78 -5.30 7.23
N VAL A 297 -6.69 -4.35 7.49
CA VAL A 297 -6.68 -3.13 6.70
C VAL A 297 -5.39 -2.35 6.98
N HIS A 298 -4.82 -2.47 8.19
CA HIS A 298 -3.60 -1.73 8.51
C HIS A 298 -2.41 -2.22 7.69
N GLY A 299 -2.44 -3.46 7.22
CA GLY A 299 -1.32 -3.96 6.44
C GLY A 299 -1.58 -4.27 4.97
N TRP A 300 -2.83 -4.18 4.51
CA TRP A 300 -3.10 -4.63 3.14
C TRP A 300 -2.59 -3.64 2.11
N THR A 301 -2.31 -4.15 0.90
CA THR A 301 -1.77 -3.42 -0.22
C THR A 301 -2.59 -3.72 -1.47
N VAL A 302 -2.27 -3.04 -2.57
CA VAL A 302 -3.06 -3.26 -3.77
C VAL A 302 -2.99 -4.71 -4.22
N ASP A 303 -1.83 -5.37 -4.06
CA ASP A 303 -1.69 -6.76 -4.47
C ASP A 303 -2.51 -7.74 -3.63
N THR A 304 -2.87 -7.38 -2.41
CA THR A 304 -3.65 -8.27 -1.56
C THR A 304 -5.08 -7.78 -1.38
N LEU A 305 -5.47 -6.75 -2.14
CA LEU A 305 -6.70 -6.00 -1.84
C LEU A 305 -7.95 -6.83 -2.03
N ARG A 306 -8.05 -7.58 -3.13
CA ARG A 306 -9.29 -8.34 -3.31
C ARG A 306 -9.43 -9.47 -2.30
N PRO A 307 -8.44 -10.40 -2.13
CA PRO A 307 -8.61 -11.44 -1.09
C PRO A 307 -8.80 -10.86 0.29
N GLY A 308 -8.12 -9.74 0.59
CA GLY A 308 -8.37 -9.08 1.86
C GLY A 308 -9.81 -8.65 2.00
N LEU A 309 -10.43 -8.23 0.89
CA LEU A 309 -11.80 -7.76 0.96
C LEU A 309 -12.75 -8.91 1.27
N VAL A 310 -12.60 -10.05 0.59
CA VAL A 310 -13.54 -11.13 0.88
C VAL A 310 -13.32 -11.65 2.29
N CYS A 311 -12.09 -11.56 2.79
CA CYS A 311 -11.80 -11.92 4.17
C CYS A 311 -12.51 -10.97 5.13
N LEU A 312 -12.54 -9.68 4.80
CA LEU A 312 -13.30 -8.74 5.62
C LEU A 312 -14.79 -9.07 5.62
N THR A 313 -15.35 -9.49 4.47
CA THR A 313 -16.77 -9.82 4.48
C THR A 313 -17.04 -10.96 5.45
N MET A 314 -16.14 -11.96 5.47
CA MET A 314 -16.32 -13.10 6.37
C MET A 314 -16.12 -12.69 7.81
N LEU A 315 -15.09 -11.89 8.11
CA LEU A 315 -14.89 -11.45 9.48
C LEU A 315 -16.15 -10.79 10.05
N ALA A 316 -16.69 -9.79 9.34
CA ALA A 316 -17.84 -9.05 9.85
C ALA A 316 -19.10 -9.91 9.88
N GLN A 317 -19.23 -10.84 8.94
CA GLN A 317 -20.41 -11.70 8.87
C GLN A 317 -20.65 -12.46 10.18
N HIS A 318 -19.59 -12.70 10.96
CA HIS A 318 -19.70 -13.47 12.19
C HIS A 318 -19.50 -12.59 13.42
N ARG A 319 -19.53 -11.27 13.25
CA ARG A 319 -19.61 -10.41 14.42
C ARG A 319 -21.05 -10.36 14.90
N SER A 320 -21.22 -10.40 16.22
CA SER A 320 -22.56 -10.26 16.76
C SER A 320 -22.95 -8.79 16.83
N ALA A 321 -22.01 -7.92 17.21
CA ALA A 321 -22.22 -6.48 17.05
C ALA A 321 -22.44 -6.16 15.56
N LYS A 322 -23.10 -5.04 15.32
CA LYS A 322 -23.45 -4.68 13.96
C LYS A 322 -22.56 -3.58 13.38
N GLN A 323 -22.22 -2.57 14.18
CA GLN A 323 -21.49 -1.40 13.68
C GLN A 323 -19.98 -1.66 13.68
N LEU A 324 -19.39 -1.71 12.48
CA LEU A 324 -17.95 -1.85 12.36
C LEU A 324 -17.23 -0.64 12.93
N SER A 325 -15.98 -0.86 13.34
CA SER A 325 -15.18 0.20 13.93
C SER A 325 -14.90 1.30 12.91
N GLY A 326 -14.42 2.42 13.42
CA GLY A 326 -14.02 3.50 12.51
C GLY A 326 -12.85 3.12 11.62
N ARG A 327 -11.84 2.46 12.19
CA ARG A 327 -10.65 2.17 11.40
C ARG A 327 -10.96 1.31 10.18
N VAL A 328 -11.84 0.32 10.32
CA VAL A 328 -12.12 -0.49 9.13
C VAL A 328 -12.92 0.30 8.11
N ALA A 329 -13.91 1.07 8.56
CA ALA A 329 -14.77 1.82 7.63
C ALA A 329 -13.95 2.78 6.77
N LYS A 330 -13.15 3.63 7.43
CA LYS A 330 -12.27 4.57 6.74
C LYS A 330 -11.36 3.89 5.72
N ALA A 331 -10.95 2.65 5.97
CA ALA A 331 -10.07 1.96 5.03
C ALA A 331 -10.82 1.22 3.95
N VAL A 332 -12.01 0.69 4.26
CA VAL A 332 -12.75 -0.09 3.26
C VAL A 332 -13.36 0.80 2.18
N ILE A 333 -13.60 2.09 2.42
CA ILE A 333 -14.20 2.88 1.34
C ILE A 333 -13.14 3.41 0.38
N LYS A 334 -11.90 3.01 0.56
CA LYS A 334 -10.87 3.38 -0.39
C LYS A 334 -10.75 2.39 -1.55
N VAL A 335 -11.51 1.30 -1.51
CA VAL A 335 -11.63 0.39 -2.66
C VAL A 335 -12.32 1.12 -3.81
N PRO A 336 -11.74 1.18 -5.00
CA PRO A 336 -12.41 1.89 -6.11
C PRO A 336 -13.67 1.13 -6.52
N ASP A 337 -14.79 1.85 -6.55
CA ASP A 337 -16.12 1.23 -6.65
C ASP A 337 -16.26 0.08 -5.66
N LEU A 338 -16.41 0.47 -4.39
CA LEU A 338 -16.64 -0.52 -3.33
C LEU A 338 -17.90 -1.33 -3.58
N VAL A 339 -19.00 -0.63 -3.93
CA VAL A 339 -20.31 -1.27 -4.08
C VAL A 339 -20.26 -2.38 -5.11
N SER A 340 -19.70 -2.11 -6.30
CA SER A 340 -19.63 -3.15 -7.32
C SER A 340 -18.68 -4.26 -6.91
N SER A 341 -17.70 -3.95 -6.05
CA SER A 341 -16.77 -4.96 -5.58
C SER A 341 -17.46 -5.94 -4.63
N LEU A 342 -18.25 -5.43 -3.68
CA LEU A 342 -19.03 -6.30 -2.80
C LEU A 342 -20.10 -7.07 -3.55
N ARG A 343 -20.68 -6.48 -4.60
CA ARG A 343 -21.64 -7.19 -5.45
C ARG A 343 -21.00 -8.35 -6.18
N ASP A 344 -19.76 -8.16 -6.65
CA ASP A 344 -19.02 -9.28 -7.24
C ASP A 344 -18.74 -10.36 -6.20
N ILE A 345 -18.33 -9.96 -4.99
CA ILE A 345 -18.04 -10.90 -3.90
C ILE A 345 -19.31 -11.62 -3.44
N SER A 346 -20.49 -10.99 -3.59
CA SER A 346 -21.76 -11.54 -3.14
C SER A 346 -22.21 -12.78 -3.91
N LYS A 347 -21.59 -13.09 -5.04
CA LYS A 347 -21.93 -14.29 -5.80
C LYS A 347 -21.30 -15.55 -5.24
N GLU A 348 -20.58 -15.44 -4.11
CA GLU A 348 -19.96 -16.55 -3.39
C GLU A 348 -20.07 -16.43 -1.89
N HIS A 349 -20.16 -15.23 -1.32
CA HIS A 349 -20.20 -14.96 0.11
C HIS A 349 -21.37 -14.04 0.40
N GLN A 350 -21.61 -13.78 1.68
CA GLN A 350 -22.63 -12.83 2.09
C GLN A 350 -21.94 -11.54 2.48
N VAL A 351 -22.41 -10.42 1.91
CA VAL A 351 -21.75 -9.13 2.09
C VAL A 351 -22.55 -8.19 2.98
N ASP A 352 -23.73 -8.60 3.45
CA ASP A 352 -24.67 -7.64 4.02
C ASP A 352 -24.19 -7.05 5.33
N LYS A 353 -23.43 -7.81 6.13
CA LYS A 353 -23.01 -7.25 7.41
C LYS A 353 -21.83 -6.31 7.27
N LEU A 354 -20.92 -6.56 6.32
CA LEU A 354 -19.89 -5.56 6.05
C LEU A 354 -20.53 -4.27 5.58
N ALA A 355 -21.43 -4.37 4.60
CA ALA A 355 -22.19 -3.22 4.12
C ALA A 355 -22.89 -2.51 5.26
N ASN A 356 -23.64 -3.25 6.08
CA ASN A 356 -24.39 -2.62 7.15
C ASN A 356 -23.46 -1.89 8.11
N GLY A 357 -22.42 -2.59 8.61
CA GLY A 357 -21.49 -1.97 9.54
C GLY A 357 -20.85 -0.70 9.00
N LEU A 358 -20.58 -0.65 7.69
CA LEU A 358 -20.08 0.58 7.09
C LEU A 358 -21.07 1.75 7.26
N VAL A 359 -22.33 1.53 6.85
CA VAL A 359 -23.30 2.63 6.86
C VAL A 359 -23.44 3.17 8.28
N LEU A 360 -23.65 2.26 9.26
CA LEU A 360 -23.80 2.72 10.65
C LEU A 360 -22.55 3.46 11.10
N ALA A 361 -21.37 2.94 10.75
CA ALA A 361 -20.12 3.59 11.10
C ALA A 361 -20.06 5.00 10.54
N PHE A 362 -20.60 5.20 9.33
CA PHE A 362 -20.58 6.54 8.76
C PHE A 362 -21.75 7.39 9.27
N VAL A 363 -22.94 6.79 9.39
CA VAL A 363 -24.04 7.48 10.07
C VAL A 363 -23.59 7.95 11.45
N ASP A 364 -22.97 7.05 12.22
CA ASP A 364 -22.48 7.43 13.54
C ASP A 364 -21.51 8.60 13.45
N ARG A 365 -20.61 8.59 12.45
CA ARG A 365 -19.66 9.69 12.38
C ARG A 365 -20.36 11.01 12.08
N LEU A 366 -21.46 10.96 11.32
CA LEU A 366 -22.20 12.20 11.05
C LEU A 366 -22.97 12.64 12.28
N ALA A 367 -23.57 11.68 13.01
CA ALA A 367 -24.25 12.02 14.25
C ALA A 367 -23.29 12.68 15.23
N LYS A 368 -22.00 12.34 15.18
CA LYS A 368 -21.07 12.77 16.21
C LYS A 368 -20.17 13.94 15.80
N LYS A 369 -19.95 14.19 14.50
CA LYS A 369 -19.20 15.38 14.13
C LYS A 369 -19.82 16.21 13.01
N GLY A 370 -20.97 15.82 12.48
CA GLY A 370 -21.67 16.65 11.50
C GLY A 370 -20.83 16.89 10.26
N ASP A 371 -20.32 15.80 9.72
CA ASP A 371 -19.44 15.82 8.57
C ASP A 371 -20.25 15.42 7.34
N ILE A 372 -20.49 16.39 6.47
CA ILE A 372 -21.32 16.14 5.31
C ILE A 372 -20.64 15.19 4.33
N ARG A 373 -19.30 15.04 4.43
CA ARG A 373 -18.55 14.12 3.57
C ARG A 373 -19.03 12.68 3.69
N THR A 374 -19.68 12.30 4.80
CA THR A 374 -20.23 10.96 4.97
C THR A 374 -21.47 10.70 4.11
N LEU A 375 -22.14 11.75 3.61
CA LEU A 375 -23.43 11.60 2.92
C LEU A 375 -23.31 10.87 1.58
N PRO A 376 -22.31 11.16 0.75
CA PRO A 376 -22.11 10.32 -0.45
C PRO A 376 -21.86 8.84 -0.12
N VAL A 377 -21.17 8.56 0.99
CA VAL A 377 -20.89 7.17 1.36
C VAL A 377 -22.16 6.47 1.82
N ILE A 378 -22.84 7.07 2.81
CA ILE A 378 -24.11 6.53 3.26
C ILE A 378 -25.04 6.30 2.09
N ASN A 379 -25.20 7.33 1.25
CA ASN A 379 -26.18 7.27 0.18
C ASN A 379 -25.89 6.15 -0.79
N SER A 380 -24.64 6.06 -1.26
CA SER A 380 -24.35 5.02 -2.24
C SER A 380 -24.44 3.64 -1.61
N LEU A 381 -24.16 3.54 -0.31
CA LEU A 381 -24.27 2.26 0.36
C LEU A 381 -25.72 1.86 0.59
N LEU A 382 -26.56 2.78 1.06
CA LEU A 382 -27.97 2.43 1.28
C LEU A 382 -28.63 1.94 0.00
N LEU A 383 -28.46 2.69 -1.10
CA LEU A 383 -29.10 2.36 -2.36
C LEU A 383 -28.49 1.15 -3.04
N SER A 384 -27.46 0.52 -2.46
CA SER A 384 -26.71 -0.52 -3.15
C SER A 384 -27.47 -1.82 -3.29
N GLU A 385 -28.54 -2.01 -2.52
CA GLU A 385 -29.32 -3.24 -2.46
C GLU A 385 -28.55 -4.38 -1.82
N LEU A 386 -27.45 -4.09 -1.12
CA LEU A 386 -26.72 -5.12 -0.41
C LEU A 386 -27.22 -5.31 1.00
N LEU A 387 -27.80 -4.26 1.59
CA LEU A 387 -28.46 -4.42 2.86
C LEU A 387 -29.77 -5.20 2.67
N GLN A 388 -30.34 -5.64 3.77
CA GLN A 388 -31.66 -6.25 3.80
C GLN A 388 -32.65 -5.26 4.38
N GLU A 389 -33.94 -5.56 4.22
CA GLU A 389 -34.98 -4.59 4.53
C GLU A 389 -34.78 -3.96 5.91
N LYS A 390 -34.71 -4.78 6.96
CA LYS A 390 -34.67 -4.23 8.32
C LYS A 390 -33.34 -3.54 8.59
N GLN A 391 -32.28 -3.99 7.92
CA GLN A 391 -31.00 -3.29 8.01
C GLN A 391 -31.12 -1.88 7.45
N ALA A 392 -31.64 -1.77 6.23
CA ALA A 392 -31.92 -0.47 5.63
C ALA A 392 -32.79 0.39 6.54
N LYS A 393 -33.86 -0.20 7.08
CA LYS A 393 -34.82 0.57 7.87
C LYS A 393 -34.19 1.10 9.15
N VAL A 394 -33.35 0.31 9.83
CA VAL A 394 -32.73 0.87 11.03
C VAL A 394 -31.60 1.80 10.63
N ALA A 395 -30.92 1.50 9.51
CA ALA A 395 -30.00 2.46 8.93
C ALA A 395 -30.68 3.81 8.74
N TYR A 396 -31.83 3.83 8.04
CA TYR A 396 -32.50 5.11 7.79
C TYR A 396 -32.97 5.77 9.09
N LYS A 397 -33.62 5.00 9.97
CA LYS A 397 -34.06 5.59 11.25
C LYS A 397 -32.90 6.20 12.00
N ALA A 398 -31.78 5.46 12.06
CA ALA A 398 -30.58 5.98 12.71
C ALA A 398 -30.08 7.25 12.02
N LEU A 399 -30.20 7.31 10.70
CA LEU A 399 -29.78 8.51 9.97
C LEU A 399 -30.65 9.70 10.36
N LEU A 400 -31.97 9.48 10.51
CA LEU A 400 -32.87 10.53 10.94
C LEU A 400 -32.41 11.14 12.26
N LEU A 401 -32.22 10.29 13.28
CA LEU A 401 -31.83 10.81 14.59
C LEU A 401 -30.45 11.45 14.56
N ALA A 402 -29.57 10.97 13.67
CA ALA A 402 -28.26 11.60 13.49
C ALA A 402 -28.41 13.03 12.99
N ALA A 403 -29.35 13.25 12.05
CA ALA A 403 -29.69 14.60 11.62
C ALA A 403 -30.18 15.41 12.81
N HIS A 404 -31.17 14.88 13.54
CA HIS A 404 -31.70 15.54 14.74
C HIS A 404 -30.60 15.93 15.72
N LYS A 405 -29.50 15.17 15.77
CA LYS A 405 -28.60 15.27 16.90
C LYS A 405 -27.61 16.43 16.83
N ILE A 406 -27.57 17.20 15.73
CA ILE A 406 -26.54 18.23 15.57
C ILE A 406 -27.19 19.62 15.58
N ASP A 407 -26.54 20.56 16.25
CA ASP A 407 -27.10 21.89 16.53
C ASP A 407 -26.31 23.04 15.92
N ASN A 415 -25.28 25.26 4.36
CA ASN A 415 -25.13 24.79 5.74
C ASN A 415 -25.15 23.25 5.80
N ILE A 416 -25.15 22.74 7.02
CA ILE A 416 -25.14 21.29 7.23
C ILE A 416 -26.57 20.73 7.28
N ARG A 417 -27.52 21.47 7.89
CA ARG A 417 -28.91 21.03 7.84
C ARG A 417 -29.41 20.97 6.40
N LYS A 418 -28.92 21.87 5.54
CA LYS A 418 -29.32 21.90 4.14
C LYS A 418 -29.00 20.58 3.43
N GLN A 419 -27.75 20.11 3.54
CA GLN A 419 -27.36 18.93 2.77
C GLN A 419 -27.84 17.61 3.39
N VAL A 420 -27.86 17.48 4.72
CA VAL A 420 -28.39 16.26 5.32
C VAL A 420 -29.88 16.16 5.05
N GLY A 421 -30.60 17.27 5.21
CA GLY A 421 -32.02 17.27 4.87
C GLY A 421 -32.24 16.88 3.43
N SER A 422 -31.51 17.52 2.51
CA SER A 422 -31.62 17.20 1.10
C SER A 422 -31.26 15.73 0.84
N ALA A 423 -30.29 15.20 1.60
CA ALA A 423 -29.93 13.79 1.45
C ALA A 423 -31.03 12.89 2.00
N LEU A 424 -31.63 13.27 3.14
CA LEU A 424 -32.79 12.55 3.64
C LEU A 424 -33.90 12.48 2.59
N VAL A 425 -34.18 13.62 1.97
CA VAL A 425 -35.27 13.68 1.00
C VAL A 425 -34.94 12.87 -0.26
N ARG A 426 -33.72 13.05 -0.83
CA ARG A 426 -33.38 12.29 -2.03
C ARG A 426 -33.53 10.79 -1.81
N LEU A 427 -33.17 10.32 -0.62
CA LEU A 427 -33.26 8.90 -0.30
C LEU A 427 -34.71 8.44 -0.23
N SER A 428 -35.59 9.24 0.38
CA SER A 428 -37.00 8.87 0.47
C SER A 428 -37.71 8.76 -0.88
N GLN A 429 -37.08 9.21 -1.97
CA GLN A 429 -37.68 9.17 -3.29
C GLN A 429 -37.04 8.12 -4.20
N ALA A 430 -36.22 7.23 -3.63
CA ALA A 430 -35.47 6.28 -4.43
C ALA A 430 -36.39 5.26 -5.08
N GLU A 431 -36.01 4.82 -6.28
CA GLU A 431 -36.94 4.21 -7.21
C GLU A 431 -37.42 2.83 -6.74
N GLY A 432 -36.56 2.06 -6.07
CA GLY A 432 -36.89 0.65 -5.90
C GLY A 432 -37.10 0.13 -4.49
N ASP A 433 -36.63 -1.10 -4.25
CA ASP A 433 -36.87 -1.78 -2.97
C ASP A 433 -36.36 -0.94 -1.80
N VAL A 434 -35.14 -0.43 -1.91
CA VAL A 434 -34.55 0.35 -0.83
C VAL A 434 -35.42 1.55 -0.50
N GLY A 435 -36.06 2.13 -1.51
CA GLY A 435 -36.95 3.25 -1.27
C GLY A 435 -38.20 2.83 -0.53
N ASP A 436 -38.80 1.70 -0.95
CA ASP A 436 -39.90 1.12 -0.20
C ASP A 436 -39.56 1.00 1.28
N ALA A 437 -38.43 0.35 1.59
CA ALA A 437 -38.01 0.22 2.98
C ALA A 437 -37.83 1.58 3.62
N ILE A 438 -37.19 2.52 2.93
CA ILE A 438 -36.96 3.83 3.51
C ILE A 438 -38.27 4.52 3.83
N ARG A 439 -39.31 4.28 3.01
CA ARG A 439 -40.60 4.93 3.20
C ARG A 439 -41.38 4.27 4.31
N THR A 440 -41.49 2.93 4.28
CA THR A 440 -42.05 2.21 5.42
C THR A 440 -41.37 2.64 6.71
N ALA A 441 -40.04 2.71 6.68
CA ALA A 441 -39.33 3.17 7.87
C ALA A 441 -39.72 4.58 8.27
N ILE A 442 -40.08 5.43 7.29
CA ILE A 442 -40.47 6.78 7.67
C ILE A 442 -41.87 6.78 8.26
N GLN A 443 -42.74 5.88 7.79
CA GLN A 443 -44.06 5.74 8.39
C GLN A 443 -43.94 5.32 9.86
N GLU A 444 -43.11 4.32 10.14
CA GLU A 444 -43.03 3.75 11.48
C GLU A 444 -42.45 4.73 12.50
N VAL A 445 -41.62 5.68 12.07
CA VAL A 445 -40.97 6.61 12.99
C VAL A 445 -41.82 7.85 13.27
N ASP A 446 -42.99 7.99 12.64
CA ASP A 446 -43.84 9.18 12.77
C ASP A 446 -43.11 10.46 12.40
N PHE A 447 -42.16 10.34 11.47
CA PHE A 447 -41.45 11.47 10.87
C PHE A 447 -42.17 11.90 9.59
N ASN A 448 -42.26 13.21 9.35
CA ASN A 448 -42.85 13.70 8.10
C ASN A 448 -41.71 14.25 7.23
N ILE A 449 -41.56 13.67 6.03
CA ILE A 449 -40.55 14.20 5.10
C ILE A 449 -41.05 15.53 4.61
N GLU A 450 -42.37 15.65 4.45
CA GLU A 450 -42.97 16.72 3.68
C GLU A 450 -42.63 18.10 4.23
N GLU A 451 -42.86 18.33 5.53
CA GLU A 451 -42.51 19.64 6.07
C GLU A 451 -41.04 19.94 5.88
N LEU A 452 -40.19 18.90 5.90
CA LEU A 452 -38.80 19.10 5.52
C LEU A 452 -38.63 19.32 4.03
N GLU A 453 -39.29 18.47 3.22
CA GLU A 453 -39.34 18.70 1.78
C GLU A 453 -39.69 20.16 1.47
N LEU A 454 -40.72 20.70 2.15
CA LEU A 454 -41.13 22.08 1.94
C LEU A 454 -40.19 23.06 2.62
N LYS A 455 -39.73 22.77 3.85
CA LYS A 455 -38.83 23.71 4.51
C LYS A 455 -37.47 23.74 3.82
N LEU A 456 -37.04 22.63 3.21
CA LEU A 456 -35.83 22.64 2.39
C LEU A 456 -36.04 23.46 1.13
N GLY A 457 -37.24 23.41 0.56
CA GLY A 457 -37.58 24.29 -0.56
C GLY A 457 -37.41 25.77 -0.22
N ALA A 458 -38.01 26.20 0.88
CA ALA A 458 -37.88 27.59 1.33
C ALA A 458 -36.51 27.89 1.93
N HIS B 11 -23.80 -17.57 12.10
CA HIS B 11 -23.26 -18.49 13.12
C HIS B 11 -22.59 -19.72 12.51
N ALA B 12 -21.25 -19.71 12.44
CA ALA B 12 -20.41 -20.85 12.09
C ALA B 12 -20.79 -21.59 10.78
N VAL B 13 -19.96 -22.57 10.41
CA VAL B 13 -20.15 -23.36 9.20
C VAL B 13 -19.69 -24.78 9.52
N VAL B 14 -20.43 -25.77 9.04
CA VAL B 14 -20.05 -27.16 9.22
C VAL B 14 -19.34 -27.61 7.97
N VAL B 15 -18.09 -28.02 8.12
CA VAL B 15 -17.29 -28.47 6.99
C VAL B 15 -16.54 -29.73 7.39
N ALA B 16 -16.42 -30.65 6.44
CA ALA B 16 -15.77 -31.91 6.67
C ALA B 16 -14.26 -31.76 6.49
N PRO B 17 -13.44 -32.19 7.47
CA PRO B 17 -11.99 -32.04 7.31
C PRO B 17 -11.45 -32.66 6.00
N GLN B 18 -12.11 -33.68 5.46
CA GLN B 18 -11.65 -34.24 4.18
C GLN B 18 -11.73 -33.21 3.06
N ARG B 19 -12.70 -32.29 3.13
CA ARG B 19 -12.92 -31.33 2.04
C ARG B 19 -11.86 -30.23 2.04
N LEU B 20 -11.43 -29.80 3.22
CA LEU B 20 -10.30 -28.87 3.30
C LEU B 20 -8.99 -29.57 2.97
N ALA B 21 -8.93 -30.88 3.15
CA ALA B 21 -7.71 -31.60 2.87
C ALA B 21 -7.54 -31.91 1.39
N GLU B 22 -8.61 -31.89 0.59
CA GLU B 22 -8.44 -32.08 -0.86
C GLU B 22 -7.67 -30.92 -1.48
N ILE B 23 -7.85 -29.71 -0.93
CA ILE B 23 -7.30 -28.50 -1.55
C ILE B 23 -5.77 -28.53 -1.50
N PHE B 24 -5.20 -29.00 -0.39
CA PHE B 24 -3.75 -28.97 -0.23
C PHE B 24 -3.09 -30.32 -0.52
N ASN B 25 -3.79 -31.24 -1.19
CA ASN B 25 -3.21 -32.51 -1.62
C ASN B 25 -3.22 -32.70 -3.13
N ALA B 26 -3.61 -31.68 -3.91
CA ALA B 26 -3.61 -31.79 -5.36
C ALA B 26 -2.19 -31.85 -5.93
N ALA B 27 -1.22 -31.34 -5.19
CA ALA B 27 0.17 -31.35 -5.65
C ALA B 27 1.06 -31.10 -4.45
N PRO B 28 2.35 -31.41 -4.56
CA PRO B 28 3.31 -30.95 -3.56
C PRO B 28 3.28 -29.44 -3.45
N ALA B 29 3.81 -28.94 -2.33
CA ALA B 29 3.81 -27.49 -2.10
C ALA B 29 4.37 -26.72 -3.29
N PHE B 30 5.45 -27.21 -3.91
CA PHE B 30 6.10 -26.42 -4.95
C PHE B 30 5.30 -26.34 -6.24
N ALA B 31 4.34 -27.26 -6.49
CA ALA B 31 3.58 -27.29 -7.73
C ALA B 31 2.11 -26.96 -7.54
N MET B 32 1.77 -26.19 -6.50
CA MET B 32 0.42 -25.78 -6.21
C MET B 32 0.02 -24.55 -7.02
N PRO B 33 -1.27 -24.33 -7.25
CA PRO B 33 -1.74 -23.05 -7.82
C PRO B 33 -1.27 -21.88 -6.98
N PRO B 34 -1.25 -20.67 -7.53
CA PRO B 34 -0.93 -19.48 -6.74
C PRO B 34 -1.75 -19.43 -5.45
N ILE B 35 -1.15 -18.83 -4.42
CA ILE B 35 -1.82 -18.81 -3.14
C ILE B 35 -3.13 -18.02 -3.23
N GLU B 36 -3.26 -17.13 -4.21
CA GLU B 36 -4.51 -16.40 -4.40
C GLU B 36 -5.63 -17.35 -4.79
N ASP B 37 -5.36 -18.27 -5.69
CA ASP B 37 -6.39 -19.21 -6.10
C ASP B 37 -6.75 -20.16 -4.99
N VAL B 38 -5.75 -20.55 -4.18
CA VAL B 38 -6.03 -21.45 -3.07
C VAL B 38 -6.86 -20.74 -2.02
N PHE B 39 -6.53 -19.48 -1.76
CA PHE B 39 -7.35 -18.68 -0.84
C PHE B 39 -8.81 -18.72 -1.25
N TYR B 40 -9.10 -18.48 -2.54
CA TYR B 40 -10.50 -18.39 -2.99
C TYR B 40 -11.22 -19.71 -2.79
N GLN B 41 -10.58 -20.82 -3.19
CA GLN B 41 -11.09 -22.17 -2.91
C GLN B 41 -11.47 -22.33 -1.44
N VAL B 42 -10.54 -22.04 -0.53
CA VAL B 42 -10.77 -22.25 0.88
C VAL B 42 -11.88 -21.33 1.40
N ALA B 43 -11.86 -20.06 0.99
CA ALA B 43 -12.88 -19.14 1.47
C ALA B 43 -14.25 -19.50 0.92
N SER B 44 -14.30 -20.07 -0.29
CA SER B 44 -15.56 -20.52 -0.87
C SER B 44 -16.08 -21.76 -0.16
N LEU B 45 -15.19 -22.63 0.31
CA LEU B 45 -15.61 -23.82 1.01
C LEU B 45 -16.18 -23.50 2.39
N PHE B 46 -15.73 -22.41 3.01
CA PHE B 46 -16.21 -21.97 4.32
C PHE B 46 -17.22 -20.82 4.25
N SER B 47 -17.91 -20.67 3.11
CA SER B 47 -18.87 -19.58 2.95
C SER B 47 -20.15 -19.81 3.75
N THR B 48 -20.83 -18.70 4.06
CA THR B 48 -22.16 -18.78 4.68
C THR B 48 -23.30 -19.00 3.67
N LYS B 49 -23.06 -18.82 2.37
CA LYS B 49 -24.00 -19.33 1.38
C LYS B 49 -23.38 -19.40 -0.01
N HIS C 29 17.00 41.99 20.21
CA HIS C 29 16.53 41.48 21.49
C HIS C 29 15.10 41.95 21.69
N SER C 30 14.72 42.98 20.95
CA SER C 30 13.35 43.49 21.02
C SER C 30 12.46 42.92 19.92
N LYS C 31 12.96 42.02 19.09
CA LYS C 31 12.14 41.37 18.10
C LYS C 31 11.34 40.25 18.77
N SER C 32 10.02 40.26 18.60
CA SER C 32 9.20 39.23 19.23
C SER C 32 7.97 38.89 18.40
N LEU C 33 7.52 37.64 18.52
CA LEU C 33 6.23 37.26 17.96
C LEU C 33 5.07 37.60 18.88
N ILE C 34 5.33 37.95 20.14
CA ILE C 34 4.26 38.15 21.12
C ILE C 34 4.17 39.61 21.56
N TRP C 35 5.26 40.16 22.07
CA TRP C 35 5.23 41.49 22.63
C TRP C 35 5.66 42.55 21.60
N GLU C 36 5.21 43.77 21.84
CA GLU C 36 5.53 44.96 21.08
C GLU C 36 6.88 45.52 21.54
N PRO C 37 7.66 46.11 20.64
CA PRO C 37 9.06 46.44 20.98
C PRO C 37 9.27 47.20 22.29
N ARG C 38 8.52 48.28 22.53
CA ARG C 38 8.49 48.98 23.82
C ARG C 38 8.52 48.03 25.02
N VAL C 39 7.66 47.00 25.00
CA VAL C 39 7.50 46.05 26.10
C VAL C 39 8.57 44.95 26.05
N ALA C 40 8.84 44.42 24.85
CA ALA C 40 9.76 43.30 24.71
C ALA C 40 11.17 43.70 25.15
N VAL C 41 11.61 44.88 24.73
CA VAL C 41 12.98 45.38 24.88
C VAL C 41 13.47 45.27 26.31
N SER C 42 12.55 45.25 27.28
CA SER C 42 12.85 45.33 28.71
C SER C 42 12.73 44.00 29.43
N GLN C 43 12.54 42.89 28.72
CA GLN C 43 12.37 41.59 29.34
C GLN C 43 13.71 40.91 29.60
N THR C 44 13.83 40.28 30.77
CA THR C 44 14.99 39.44 31.05
C THR C 44 14.78 38.06 30.43
N PHE C 45 15.88 37.35 30.21
CA PHE C 45 15.79 36.01 29.64
C PHE C 45 15.03 35.07 30.55
N ALA C 46 15.11 35.25 31.88
CA ALA C 46 14.38 34.35 32.77
C ALA C 46 12.88 34.64 32.71
N GLU C 47 12.50 35.92 32.58
CA GLU C 47 11.11 36.26 32.29
C GLU C 47 10.62 35.51 31.05
N ILE C 48 11.30 35.75 29.92
CA ILE C 48 10.94 35.12 28.65
C ILE C 48 10.91 33.61 28.77
N TYR C 49 11.83 33.02 29.53
CA TYR C 49 11.87 31.57 29.63
C TYR C 49 10.65 31.04 30.36
N SER C 50 10.30 31.64 31.50
CA SER C 50 9.15 31.16 32.25
C SER C 50 7.85 31.38 31.49
N GLN C 51 7.77 32.45 30.69
CA GLN C 51 6.58 32.66 29.86
C GLN C 51 6.47 31.65 28.75
N CYS C 52 7.60 31.36 28.07
CA CYS C 52 7.55 30.46 26.93
C CYS C 52 7.64 28.98 27.30
N TYR C 53 8.30 28.65 28.41
CA TYR C 53 8.56 27.23 28.65
C TYR C 53 7.27 26.46 28.84
N GLU C 54 6.25 27.09 29.46
CA GLU C 54 4.96 26.42 29.62
C GLU C 54 4.32 26.11 28.26
N GLY C 55 4.45 27.04 27.31
CA GLY C 55 4.07 26.74 25.94
C GLY C 55 4.70 25.46 25.44
N PHE C 56 6.04 25.39 25.52
CA PHE C 56 6.73 24.18 25.11
C PHE C 56 6.20 22.96 25.87
N LYS C 57 5.90 23.13 27.16
CA LYS C 57 5.40 21.99 27.92
C LYS C 57 4.06 21.51 27.38
N GLU C 58 3.15 22.44 27.05
CA GLU C 58 1.88 22.01 26.46
C GLU C 58 2.10 21.28 25.14
N LEU C 59 3.11 21.68 24.35
CA LEU C 59 3.40 20.91 23.13
C LEU C 59 3.80 19.48 23.45
N CYS C 60 4.64 19.30 24.49
CA CYS C 60 5.06 17.94 24.86
C CYS C 60 3.88 17.08 25.26
N HIS C 61 2.86 17.66 25.87
CA HIS C 61 1.69 16.85 26.19
C HIS C 61 0.89 16.50 24.95
N LEU C 62 0.86 17.37 23.93
CA LEU C 62 0.13 16.98 22.71
C LEU C 62 0.89 15.95 21.87
N ASP C 63 2.23 16.00 21.86
CA ASP C 63 3.02 15.22 20.91
C ASP C 63 4.36 14.84 21.55
N SER C 64 4.59 13.54 21.70
CA SER C 64 5.77 13.11 22.44
C SER C 64 7.07 13.40 21.68
N ARG C 65 6.99 13.64 20.36
CA ARG C 65 8.18 13.99 19.59
C ARG C 65 8.81 15.32 19.99
N PHE C 66 8.14 16.13 20.80
CA PHE C 66 8.75 17.38 21.28
C PHE C 66 9.69 17.16 22.45
N VAL C 67 9.57 16.01 23.14
CA VAL C 67 10.31 15.81 24.39
C VAL C 67 11.83 15.92 24.24
N PRO C 68 12.48 15.39 23.20
CA PRO C 68 13.94 15.55 23.12
C PRO C 68 14.45 16.99 23.25
N PHE C 69 13.66 17.98 22.85
CA PHE C 69 14.17 19.34 22.92
C PHE C 69 14.11 19.90 24.33
N ASP C 70 13.45 19.20 25.27
CA ASP C 70 13.46 19.64 26.66
C ASP C 70 14.86 19.61 27.25
N ALA C 71 15.75 18.79 26.70
CA ALA C 71 17.11 18.66 27.20
C ALA C 71 18.11 19.47 26.38
N THR C 72 17.67 20.10 25.29
CA THR C 72 18.53 20.93 24.47
C THR C 72 17.98 22.36 24.42
N LEU C 73 17.13 22.65 23.42
CA LEU C 73 16.72 24.03 23.16
C LEU C 73 15.87 24.63 24.29
N PHE C 74 15.15 23.80 25.06
CA PHE C 74 14.30 24.35 26.11
C PHE C 74 14.73 23.95 27.51
N SER C 75 15.99 23.56 27.68
CA SER C 75 16.45 23.13 28.99
C SER C 75 16.64 24.34 29.92
N ALA C 76 16.60 24.06 31.22
CA ALA C 76 16.74 25.10 32.23
C ALA C 76 17.99 25.94 32.02
N GLN C 77 19.05 25.33 31.49
CA GLN C 77 20.31 26.06 31.36
C GLN C 77 20.38 26.86 30.08
N SER C 78 19.50 26.59 29.12
CA SER C 78 19.50 27.28 27.84
C SER C 78 19.28 28.79 27.95
N GLN C 79 18.83 29.29 29.12
CA GLN C 79 18.68 30.72 29.28
C GLN C 79 20.03 31.42 29.26
N GLU C 80 21.07 30.74 29.75
CA GLU C 80 22.38 31.37 29.88
C GLU C 80 23.27 31.15 28.67
N VAL C 81 22.88 30.30 27.72
CA VAL C 81 23.76 30.02 26.59
C VAL C 81 23.64 31.16 25.58
N ASP C 82 24.79 31.68 25.14
CA ASP C 82 24.86 32.77 24.18
C ASP C 82 25.48 32.25 22.88
N ARG C 83 24.66 32.23 21.84
CA ARG C 83 25.03 31.67 20.54
C ARG C 83 26.37 32.20 20.02
N THR C 84 26.68 33.46 20.28
CA THR C 84 27.88 34.06 19.71
C THR C 84 29.15 33.58 20.38
N GLN C 85 29.06 33.14 21.65
CA GLN C 85 30.20 32.65 22.43
C GLN C 85 30.41 31.15 22.31
N MET C 86 29.95 30.54 21.22
CA MET C 86 30.18 29.13 20.98
C MET C 86 30.95 28.96 19.68
N THR C 87 31.24 27.70 19.35
CA THR C 87 32.02 27.29 18.18
C THR C 87 31.39 27.74 16.88
N ALA C 88 31.85 27.17 15.77
CA ALA C 88 31.03 27.02 14.57
C ALA C 88 30.50 25.61 14.43
N GLU C 89 31.03 24.66 15.21
CA GLU C 89 30.49 23.32 15.25
C GLU C 89 29.30 23.26 16.19
N GLU C 90 29.37 24.01 17.29
CA GLU C 90 28.24 24.07 18.21
C GLU C 90 27.07 24.83 17.57
N ASN C 91 27.36 25.89 16.83
CA ASN C 91 26.33 26.59 16.07
C ASN C 91 25.78 25.70 14.95
N ALA C 92 26.59 24.81 14.38
CA ALA C 92 26.08 23.98 13.29
C ALA C 92 25.15 22.88 13.78
N ALA C 93 25.37 22.40 15.01
CA ALA C 93 24.44 21.43 15.58
C ALA C 93 23.16 22.12 16.06
N LEU C 94 23.30 23.29 16.68
CA LEU C 94 22.14 24.10 17.01
C LEU C 94 21.30 24.36 15.77
N ASP C 95 21.96 24.79 14.68
CA ASP C 95 21.26 25.08 13.45
C ASP C 95 20.40 23.90 13.01
N LYS C 96 20.94 22.68 13.07
CA LYS C 96 20.18 21.52 12.64
C LYS C 96 19.05 21.20 13.60
N ARG C 97 19.26 21.44 14.89
CA ARG C 97 18.24 21.20 15.91
C ARG C 97 17.05 22.12 15.71
N VAL C 98 17.29 23.43 15.72
CA VAL C 98 16.29 24.43 15.41
C VAL C 98 15.49 24.00 14.18
N ASP C 99 16.18 23.81 13.06
CA ASP C 99 15.51 23.42 11.83
C ASP C 99 14.60 22.21 12.05
N SER C 100 15.02 21.28 12.90
CA SER C 100 14.19 20.10 13.11
C SER C 100 12.97 20.44 13.96
N PHE C 101 13.14 21.26 14.99
CA PHE C 101 12.02 21.80 15.74
C PHE C 101 11.04 22.53 14.82
N LEU C 102 11.56 23.40 13.95
CA LEU C 102 10.69 24.19 13.10
C LEU C 102 9.84 23.30 12.21
N HIS C 103 10.41 22.20 11.69
CA HIS C 103 9.63 21.27 10.89
C HIS C 103 8.54 20.60 11.75
N LEU C 104 8.88 20.25 12.98
CA LEU C 104 7.96 19.47 13.79
C LEU C 104 6.83 20.35 14.33
N VAL C 105 7.15 21.60 14.69
CA VAL C 105 6.15 22.53 15.21
C VAL C 105 5.22 23.07 14.12
N GLY C 106 5.51 22.77 12.85
CA GLY C 106 4.86 23.49 11.77
C GLY C 106 3.36 23.27 11.74
N SER C 107 2.90 22.09 12.17
CA SER C 107 1.48 21.77 12.11
C SER C 107 0.65 22.54 13.12
N ARG C 108 1.28 23.18 14.12
CA ARG C 108 0.54 23.74 15.23
C ARG C 108 0.75 25.24 15.41
N LEU C 109 1.20 25.93 14.35
CA LEU C 109 1.54 27.35 14.45
C LEU C 109 0.34 28.24 14.75
N ARG C 110 -0.88 27.76 14.57
CA ARG C 110 -2.03 28.56 15.02
C ARG C 110 -2.23 28.49 16.54
N LEU C 111 -1.72 27.45 17.20
CA LEU C 111 -1.86 27.28 18.64
C LEU C 111 -0.93 28.20 19.44
N MET C 112 -1.47 28.81 20.50
CA MET C 112 -0.67 29.66 21.39
C MET C 112 0.56 28.97 21.98
N PRO C 113 0.48 27.74 22.55
CA PRO C 113 1.71 27.05 22.97
C PRO C 113 2.80 27.00 21.89
N ALA C 114 2.43 26.84 20.61
CA ALA C 114 3.46 26.78 19.57
C ALA C 114 4.15 28.13 19.37
N ILE C 115 3.38 29.21 19.36
CA ILE C 115 3.96 30.54 19.18
C ILE C 115 4.92 30.87 20.33
N LYS C 116 4.63 30.41 21.56
CA LYS C 116 5.56 30.64 22.67
C LYS C 116 6.86 29.85 22.50
N ALA C 117 6.77 28.61 22.03
CA ALA C 117 7.98 27.84 21.80
C ALA C 117 8.85 28.53 20.75
N VAL C 118 8.27 28.86 19.60
CA VAL C 118 9.04 29.54 18.56
C VAL C 118 9.60 30.85 19.12
N GLU C 119 8.83 31.50 19.99
CA GLU C 119 9.25 32.79 20.52
C GLU C 119 10.52 32.64 21.36
N TRP C 120 10.63 31.55 22.11
CA TRP C 120 11.86 31.32 22.85
C TRP C 120 13.04 31.19 21.90
N LEU C 121 12.88 30.39 20.83
CA LEU C 121 13.96 30.24 19.86
C LEU C 121 14.35 31.60 19.29
N ILE C 122 13.38 32.49 19.08
CA ILE C 122 13.70 33.79 18.51
C ILE C 122 14.42 34.67 19.51
N ARG C 123 13.91 34.71 20.74
CA ARG C 123 14.50 35.59 21.75
C ARG C 123 15.88 35.08 22.15
N ARG C 124 16.04 33.79 22.34
CA ARG C 124 17.27 33.30 22.95
C ARG C 124 18.35 32.96 21.92
N PHE C 125 17.98 32.33 20.81
CA PHE C 125 18.94 31.89 19.81
C PHE C 125 18.81 32.68 18.51
N ARG C 126 18.07 33.78 18.51
CA ARG C 126 17.97 34.68 17.36
C ARG C 126 17.83 33.92 16.05
N ILE C 127 16.96 32.91 16.04
CA ILE C 127 16.76 32.09 14.85
C ILE C 127 16.13 32.87 13.70
N HIS C 128 15.65 34.08 13.94
CA HIS C 128 15.17 34.89 12.83
C HIS C 128 16.31 35.44 12.01
N GLU C 129 17.54 35.39 12.53
CA GLU C 129 18.74 35.79 11.79
C GLU C 129 19.48 34.58 11.23
N PHE C 130 19.66 33.55 12.05
CA PHE C 130 20.45 32.40 11.68
C PHE C 130 19.64 31.28 11.03
N ASN C 131 18.31 31.38 11.01
CA ASN C 131 17.48 30.36 10.38
C ASN C 131 16.37 31.02 9.58
N THR C 132 16.66 32.17 8.99
CA THR C 132 15.64 32.95 8.29
C THR C 132 14.96 32.13 7.20
N GLY C 133 15.70 31.25 6.53
CA GLY C 133 15.10 30.50 5.43
C GLY C 133 14.11 29.46 5.91
N THR C 134 14.46 28.73 6.98
CA THR C 134 13.59 27.70 7.51
C THR C 134 12.43 28.30 8.28
N LEU C 135 12.65 29.43 8.96
CA LEU C 135 11.55 30.18 9.57
C LEU C 135 10.49 30.54 8.52
N LEU C 136 10.90 31.20 7.42
CA LEU C 136 9.93 31.61 6.40
C LEU C 136 9.22 30.42 5.80
N ALA C 137 9.95 29.37 5.47
CA ALA C 137 9.30 28.24 4.85
C ALA C 137 8.29 27.61 5.80
N THR C 138 8.55 27.69 7.11
CA THR C 138 7.63 27.06 8.05
C THR C 138 6.35 27.87 8.19
N PHE C 139 6.48 29.20 8.23
CA PHE C 139 5.33 30.08 8.38
C PHE C 139 4.60 30.31 7.07
N LEU C 140 5.24 30.02 5.95
CA LEU C 140 4.65 30.35 4.65
C LEU C 140 3.30 29.67 4.41
N PRO C 141 3.04 28.43 4.84
CA PRO C 141 1.68 27.89 4.68
C PRO C 141 0.61 28.68 5.41
N TYR C 142 1.01 29.53 6.36
CA TYR C 142 0.11 30.36 7.14
C TYR C 142 0.25 31.82 6.73
N HIS C 143 0.58 32.08 5.47
CA HIS C 143 0.80 33.45 5.00
C HIS C 143 -0.47 34.33 5.04
N THR C 144 -1.63 33.84 5.49
CA THR C 144 -2.81 34.68 5.66
C THR C 144 -3.16 35.02 7.12
N ILE C 145 -2.52 34.40 8.11
CA ILE C 145 -2.85 34.68 9.52
C ILE C 145 -1.98 35.84 10.02
N PRO C 146 -2.34 36.50 11.13
CA PRO C 146 -1.57 37.66 11.57
C PRO C 146 -0.16 37.32 12.02
N ALA C 147 0.10 36.11 12.50
CA ALA C 147 1.47 35.80 12.89
C ALA C 147 2.45 35.86 11.71
N PHE C 148 1.97 35.66 10.48
CA PHE C 148 2.90 35.70 9.38
C PHE C 148 3.40 37.14 9.14
N VAL C 149 2.49 38.11 9.20
CA VAL C 149 2.88 39.52 9.08
C VAL C 149 3.75 39.93 10.25
N THR C 150 3.44 39.45 11.46
CA THR C 150 4.33 39.72 12.59
C THR C 150 5.72 39.13 12.34
N LEU C 151 5.77 37.91 11.79
CA LEU C 151 7.05 37.31 11.47
C LEU C 151 7.83 38.18 10.48
N LEU C 152 7.19 38.57 9.38
CA LEU C 152 7.81 39.47 8.42
C LEU C 152 8.39 40.70 9.11
N SER C 153 7.61 41.29 10.01
CA SER C 153 7.98 42.56 10.63
C SER C 153 9.27 42.48 11.44
N ILE C 154 9.86 41.31 11.64
CA ILE C 154 11.05 41.17 12.47
C ILE C 154 12.18 40.46 11.76
N LEU C 155 12.00 40.02 10.52
CA LEU C 155 13.12 39.40 9.80
C LEU C 155 14.09 40.49 9.36
N PRO C 156 15.38 40.36 9.62
CA PRO C 156 16.33 41.30 9.05
C PRO C 156 16.44 41.03 7.56
N VAL C 157 15.98 42.00 6.77
CA VAL C 157 15.92 41.87 5.32
C VAL C 157 17.27 41.45 4.73
N GLN C 158 18.35 41.62 5.51
CA GLN C 158 19.67 41.21 5.04
C GLN C 158 19.77 39.70 4.88
N ARG C 159 19.11 38.93 5.75
CA ARG C 159 19.28 37.48 5.75
C ARG C 159 18.14 36.75 5.04
N ILE C 160 17.20 37.48 4.46
CA ILE C 160 16.10 36.88 3.72
C ILE C 160 16.63 36.31 2.41
N PRO C 161 16.61 34.99 2.24
CA PRO C 161 17.11 34.37 1.01
C PRO C 161 16.42 34.92 -0.22
N ILE C 162 17.14 34.88 -1.34
CA ILE C 162 16.71 35.58 -2.55
C ILE C 162 15.39 35.03 -3.09
N GLU C 163 15.11 33.74 -2.88
CA GLU C 163 13.86 33.14 -3.33
C GLU C 163 12.65 33.90 -2.78
N TYR C 164 12.73 34.37 -1.54
CA TYR C 164 11.60 34.92 -0.80
C TYR C 164 11.54 36.44 -0.84
N ARG C 165 12.46 37.11 -1.56
CA ARG C 165 12.49 38.57 -1.51
C ARG C 165 11.33 39.22 -2.27
N PHE C 166 10.55 38.46 -3.04
CA PHE C 166 9.28 39.03 -3.49
C PHE C 166 8.38 39.48 -2.33
N LEU C 167 8.70 39.10 -1.08
CA LEU C 167 7.89 39.45 0.08
C LEU C 167 8.13 40.87 0.57
N ASP C 168 9.07 41.60 -0.05
CA ASP C 168 9.47 42.91 0.44
C ASP C 168 8.44 44.01 0.25
N PRO C 169 7.59 43.99 -0.78
CA PRO C 169 6.39 44.84 -0.71
C PRO C 169 5.63 44.62 0.59
N TYR C 170 5.33 43.36 0.89
CA TYR C 170 4.59 43.01 2.10
C TYR C 170 5.38 43.27 3.38
N ILE C 171 6.70 43.34 3.31
CA ILE C 171 7.47 43.72 4.49
C ILE C 171 7.39 45.24 4.73
N LYS C 172 7.33 46.05 3.66
CA LYS C 172 7.15 47.49 3.85
C LYS C 172 5.71 47.80 4.25
N SER C 173 4.73 47.19 3.56
CA SER C 173 3.33 47.49 3.82
C SER C 173 2.76 46.76 5.05
N LEU C 174 3.51 45.81 5.61
CA LEU C 174 3.07 44.94 6.70
C LEU C 174 1.62 44.48 6.53
N THR C 175 1.36 43.91 5.35
CA THR C 175 0.12 43.21 5.06
C THR C 175 0.44 41.83 4.50
N PRO C 176 -0.46 40.87 4.63
CA PRO C 176 -0.17 39.51 4.19
C PRO C 176 -0.03 39.43 2.68
N PRO C 177 0.96 38.70 2.19
CA PRO C 177 0.98 38.39 0.77
C PRO C 177 -0.25 37.60 0.38
N PRO C 178 -0.98 38.04 -0.63
CA PRO C 178 -2.05 37.20 -1.18
C PRO C 178 -1.51 36.02 -1.96
N ARG C 179 -2.35 34.98 -2.03
CA ARG C 179 -1.95 33.72 -2.62
C ARG C 179 -1.47 33.87 -4.06
N ALA C 180 -2.00 34.88 -4.77
CA ALA C 180 -1.64 35.10 -6.17
C ALA C 180 -0.23 35.66 -6.31
N ALA C 181 0.25 36.44 -5.35
CA ALA C 181 1.64 36.87 -5.37
C ALA C 181 2.59 35.68 -5.26
N ILE C 182 2.30 34.73 -4.37
CA ILE C 182 3.15 33.54 -4.27
C ILE C 182 3.07 32.72 -5.54
N VAL C 183 1.86 32.50 -6.06
CA VAL C 183 1.71 31.69 -7.26
C VAL C 183 2.45 32.31 -8.43
N GLN C 184 2.35 33.64 -8.57
CA GLN C 184 3.00 34.30 -9.71
C GLN C 184 4.52 34.30 -9.54
N GLN C 185 5.02 34.55 -8.32
CA GLN C 185 6.46 34.49 -8.12
C GLN C 185 6.99 33.07 -8.25
N ALA C 186 6.20 32.07 -7.82
CA ALA C 186 6.64 30.68 -7.94
C ALA C 186 6.62 30.23 -9.39
N THR C 187 5.73 30.81 -10.21
CA THR C 187 5.72 30.51 -11.65
C THR C 187 6.96 31.09 -12.32
N ASN C 188 7.35 32.32 -11.93
CA ASN C 188 8.40 33.04 -12.62
C ASN C 188 9.78 32.77 -12.05
N ARG C 189 9.89 32.24 -10.84
CA ARG C 189 11.17 32.08 -10.15
C ARG C 189 11.37 30.62 -9.74
N PRO C 190 12.16 29.84 -10.49
CA PRO C 190 12.29 28.41 -10.15
C PRO C 190 12.97 28.15 -8.82
N ASP C 191 13.66 29.13 -8.23
CA ASP C 191 14.27 28.88 -6.94
C ASP C 191 13.23 28.94 -5.81
N LEU C 192 12.18 29.76 -5.94
CA LEU C 192 11.13 29.77 -4.93
C LEU C 192 10.31 28.48 -4.97
N LEU C 193 10.07 27.97 -6.17
CA LEU C 193 9.36 26.71 -6.28
C LEU C 193 10.14 25.57 -5.66
N SER C 194 11.48 25.57 -5.81
CA SER C 194 12.29 24.49 -5.24
C SER C 194 12.34 24.63 -3.74
N ALA C 195 12.42 25.87 -3.26
CA ALA C 195 12.42 26.12 -1.82
C ALA C 195 11.18 25.53 -1.17
N ILE C 196 10.00 25.85 -1.72
CA ILE C 196 8.76 25.31 -1.20
C ILE C 196 8.77 23.78 -1.28
N SER C 197 9.25 23.21 -2.39
CA SER C 197 9.26 21.75 -2.53
C SER C 197 10.26 21.10 -1.59
N ARG C 198 11.44 21.67 -1.48
CA ARG C 198 12.47 21.05 -0.65
C ARG C 198 11.99 20.95 0.79
N TYR C 199 11.44 22.05 1.32
CA TYR C 199 10.91 22.05 2.68
C TYR C 199 9.79 21.02 2.82
N THR C 200 8.91 20.93 1.83
CA THR C 200 7.77 20.04 1.95
C THR C 200 8.21 18.59 1.93
N LEU C 201 9.16 18.24 1.07
CA LEU C 201 9.63 16.85 1.02
C LEU C 201 10.47 16.49 2.23
N ASP C 202 11.22 17.45 2.78
CA ASP C 202 11.98 17.19 4.01
C ASP C 202 11.04 16.83 5.17
N SER C 203 10.00 17.63 5.40
CA SER C 203 8.99 17.23 6.37
C SER C 203 8.45 15.84 6.05
N CYS C 204 8.08 15.61 4.79
CA CYS C 204 7.52 14.31 4.44
C CYS C 204 8.49 13.19 4.77
N ARG C 205 9.78 13.38 4.48
CA ARG C 205 10.73 12.33 4.80
C ARG C 205 10.90 12.13 6.30
N ALA C 206 10.73 13.17 7.10
CA ALA C 206 10.80 13.06 8.55
C ALA C 206 9.44 12.70 9.17
N LYS C 207 8.46 12.39 8.35
CA LYS C 207 7.06 12.21 8.75
C LYS C 207 6.58 13.30 9.71
N GLN C 208 6.89 14.55 9.34
CA GLN C 208 6.41 15.74 10.05
C GLN C 208 5.44 16.55 9.18
N GLU C 209 4.88 15.94 8.15
CA GLU C 209 3.89 16.60 7.33
C GLU C 209 2.60 16.81 8.13
N TYR C 210 1.72 17.64 7.59
CA TYR C 210 0.36 17.79 8.07
C TYR C 210 -0.50 18.17 6.89
N PRO C 211 -1.83 18.10 7.01
CA PRO C 211 -2.69 18.41 5.85
C PRO C 211 -2.48 19.81 5.28
N GLY C 212 -2.31 20.82 6.13
CA GLY C 212 -2.14 22.18 5.61
C GLY C 212 -0.91 22.30 4.72
N LEU C 213 0.19 21.65 5.13
CA LEU C 213 1.40 21.69 4.31
C LEU C 213 1.18 20.98 2.97
N ILE C 214 0.52 19.83 3.01
CA ILE C 214 0.31 19.08 1.77
C ILE C 214 -0.62 19.85 0.83
N SER C 215 -1.69 20.44 1.37
CA SER C 215 -2.57 21.30 0.57
C SER C 215 -1.78 22.46 -0.04
N PHE C 216 -0.98 23.15 0.78
CA PHE C 216 -0.28 24.34 0.31
C PHE C 216 0.68 24.00 -0.81
N TRP C 217 1.51 22.98 -0.62
CA TRP C 217 2.45 22.61 -1.66
C TRP C 217 1.71 22.19 -2.92
N GLY C 218 0.70 21.34 -2.77
CA GLY C 218 -0.04 20.89 -3.92
C GLY C 218 -0.58 22.04 -4.75
N GLY C 219 -1.16 23.05 -4.10
CA GLY C 219 -1.76 24.15 -4.84
C GLY C 219 -0.75 25.09 -5.48
N ILE C 220 0.33 25.44 -4.75
CA ILE C 220 1.34 26.28 -5.36
C ILE C 220 1.95 25.57 -6.56
N MET C 221 2.31 24.29 -6.39
CA MET C 221 2.90 23.53 -7.48
C MET C 221 1.96 23.43 -8.67
N ALA C 222 0.71 23.01 -8.44
CA ALA C 222 -0.27 22.89 -9.53
C ALA C 222 -0.46 24.21 -10.28
N GLU C 223 -0.65 25.31 -9.56
CA GLU C 223 -0.87 26.57 -10.29
C GLU C 223 0.40 27.06 -10.98
N ALA C 224 1.58 26.81 -10.38
CA ALA C 224 2.82 27.31 -10.97
C ALA C 224 3.19 26.53 -12.22
N VAL C 225 2.99 25.21 -12.20
CA VAL C 225 3.24 24.42 -13.40
C VAL C 225 2.23 24.79 -14.50
N ASN C 226 0.97 24.99 -14.13
CA ASN C 226 -0.04 25.41 -15.10
C ASN C 226 0.34 26.75 -15.73
N GLY C 227 0.86 27.67 -14.93
CA GLY C 227 1.33 28.93 -15.47
C GLY C 227 2.57 28.79 -16.31
N MET C 228 3.48 27.88 -15.93
CA MET C 228 4.70 27.73 -16.72
C MET C 228 4.42 27.09 -18.07
N ILE C 229 3.46 26.16 -18.13
CA ILE C 229 3.00 25.65 -19.43
C ILE C 229 2.41 26.79 -20.26
N ASP C 230 1.40 27.47 -19.74
CA ASP C 230 0.79 28.62 -20.42
C ASP C 230 1.85 29.54 -21.05
N LYS C 231 2.88 29.89 -20.29
CA LYS C 231 3.77 30.96 -20.75
C LYS C 231 4.92 30.45 -21.61
N MET C 232 5.07 29.13 -21.76
CA MET C 232 6.20 28.58 -22.50
C MET C 232 5.79 28.01 -23.85
N ARG C 233 4.52 28.13 -24.24
CA ARG C 233 4.08 27.69 -25.56
C ARG C 233 4.85 28.46 -26.65
N SER C 234 5.10 27.78 -27.78
CA SER C 234 5.76 28.38 -28.95
C SER C 234 5.27 27.70 -30.22
N GLY C 235 5.08 28.48 -31.27
CA GLY C 235 4.62 27.93 -32.54
C GLY C 235 5.64 27.10 -33.29
N ARG C 236 6.91 27.13 -32.87
CA ARG C 236 7.94 26.24 -33.43
C ARG C 236 8.09 25.04 -32.52
N ARG C 237 7.85 23.82 -33.06
CA ARG C 237 8.03 22.60 -32.27
C ARG C 237 9.41 22.56 -31.61
N ALA C 238 10.44 23.04 -32.29
CA ALA C 238 11.80 22.94 -31.75
C ALA C 238 11.90 23.69 -30.42
N ILE C 239 11.36 24.91 -30.35
CA ILE C 239 11.39 25.71 -29.13
C ILE C 239 10.49 25.10 -28.05
N GLN C 240 9.30 24.65 -28.46
CA GLN C 240 8.38 23.97 -27.55
C GLN C 240 9.07 22.79 -26.83
N LEU C 241 9.70 21.89 -27.60
CA LEU C 241 10.32 20.69 -27.02
C LEU C 241 11.45 21.08 -26.05
N GLU C 242 12.28 22.04 -26.43
CA GLU C 242 13.30 22.51 -25.51
C GLU C 242 12.67 23.07 -24.24
N ASN C 243 11.56 23.81 -24.37
CA ASN C 243 10.86 24.34 -23.20
C ASN C 243 10.30 23.22 -22.33
N ASP C 244 9.60 22.26 -22.94
CA ASP C 244 9.05 21.13 -22.18
C ASP C 244 10.15 20.30 -21.52
N HIS C 245 11.39 20.43 -21.98
CA HIS C 245 12.52 19.74 -21.39
C HIS C 245 13.04 20.50 -20.17
N LEU C 246 13.15 21.82 -20.27
CA LEU C 246 13.56 22.61 -19.13
C LEU C 246 12.57 22.47 -17.98
N LEU C 247 11.27 22.48 -18.27
CA LEU C 247 10.26 22.33 -17.24
C LEU C 247 10.40 20.99 -16.51
N LEU C 248 10.50 19.89 -17.27
CA LEU C 248 10.69 18.58 -16.66
C LEU C 248 11.95 18.51 -15.82
N GLN C 249 13.03 19.17 -16.21
CA GLN C 249 14.21 19.10 -15.35
C GLN C 249 13.95 19.80 -14.02
N GLN C 250 13.10 20.81 -14.02
CA GLN C 250 12.79 21.53 -12.79
C GLN C 250 11.96 20.67 -11.85
N ILE C 251 10.88 20.09 -12.36
CA ILE C 251 9.84 19.52 -11.50
C ILE C 251 9.83 17.99 -11.49
N GLY C 252 10.58 17.34 -12.39
CA GLY C 252 10.60 15.90 -12.48
C GLY C 252 11.03 15.18 -11.21
N PRO C 253 12.21 15.53 -10.66
CA PRO C 253 12.65 14.90 -9.41
C PRO C 253 11.62 14.99 -8.30
N VAL C 254 11.04 16.18 -8.07
CA VAL C 254 10.10 16.37 -6.97
C VAL C 254 8.86 15.50 -7.16
N LEU C 255 8.30 15.50 -8.36
CA LEU C 255 7.13 14.66 -8.61
C LEU C 255 7.46 13.19 -8.46
N SER C 256 8.68 12.79 -8.84
CA SER C 256 9.02 11.37 -8.77
C SER C 256 9.21 10.91 -7.33
N GLU C 257 9.90 11.69 -6.50
CA GLU C 257 10.05 11.21 -5.14
C GLU C 257 8.71 11.26 -4.41
N ALA C 258 7.88 12.28 -4.67
CA ALA C 258 6.60 12.33 -3.99
C ALA C 258 5.71 11.16 -4.39
N MET C 259 5.75 10.77 -5.66
CA MET C 259 4.89 9.67 -6.07
C MET C 259 5.20 8.35 -5.37
N VAL C 260 6.37 8.22 -4.74
CA VAL C 260 6.75 6.95 -4.13
C VAL C 260 6.90 7.07 -2.61
N MET C 261 6.34 8.10 -1.99
CA MET C 261 6.36 8.19 -0.52
C MET C 261 5.14 7.48 0.08
N LYS C 262 5.24 6.15 0.19
CA LYS C 262 4.08 5.37 0.60
C LYS C 262 3.58 5.72 2.01
N ASP C 263 4.47 6.13 2.91
CA ASP C 263 4.00 6.56 4.24
C ASP C 263 3.23 7.88 4.25
N VAL C 264 3.23 8.66 3.17
CA VAL C 264 2.58 9.96 3.19
C VAL C 264 1.58 10.05 2.04
N PRO C 265 0.44 9.36 2.13
CA PRO C 265 -0.53 9.29 1.01
C PRO C 265 -0.96 10.65 0.46
N GLY C 266 -1.08 11.67 1.31
CA GLY C 266 -1.50 12.98 0.84
C GLY C 266 -0.54 13.59 -0.15
N ILE C 267 0.76 13.56 0.15
CA ILE C 267 1.75 14.11 -0.76
C ILE C 267 1.72 13.36 -2.08
N GLN C 268 1.46 12.05 -2.04
CA GLN C 268 1.34 11.30 -3.28
C GLN C 268 0.19 11.83 -4.11
N ILE C 269 -1.01 11.90 -3.50
CA ILE C 269 -2.19 12.31 -4.24
C ILE C 269 -2.00 13.71 -4.77
N ALA C 270 -1.39 14.59 -3.97
CA ALA C 270 -1.16 15.96 -4.43
C ALA C 270 -0.25 15.98 -5.65
N SER C 271 0.67 15.03 -5.74
CA SER C 271 1.54 14.99 -6.90
C SER C 271 0.84 14.35 -8.09
N TYR C 272 -0.12 13.45 -7.86
CA TYR C 272 -0.95 13.00 -8.98
C TYR C 272 -1.67 14.18 -9.62
N MET C 273 -2.22 15.08 -8.80
CA MET C 273 -2.78 16.35 -9.25
C MET C 273 -1.92 17.07 -10.27
N VAL C 274 -0.63 17.24 -9.91
CA VAL C 274 0.28 18.03 -10.73
C VAL C 274 0.63 17.26 -11.98
N VAL C 275 0.64 15.94 -11.89
CA VAL C 275 0.94 15.11 -13.05
C VAL C 275 -0.26 15.08 -14.00
N ALA C 276 -1.47 15.04 -13.44
CA ALA C 276 -2.66 15.05 -14.28
C ALA C 276 -2.70 16.30 -15.15
N ILE C 277 -2.34 17.45 -14.58
CA ILE C 277 -2.30 18.67 -15.36
C ILE C 277 -1.27 18.55 -16.49
N LEU C 278 -0.03 18.14 -16.14
CA LEU C 278 1.03 17.96 -17.14
C LEU C 278 0.53 17.13 -18.32
N ALA C 279 -0.10 16.00 -18.04
CA ALA C 279 -0.59 15.13 -19.08
C ALA C 279 -1.67 15.81 -19.91
N ALA C 280 -2.61 16.46 -19.24
CA ALA C 280 -3.78 17.00 -19.91
C ALA C 280 -3.44 18.25 -20.72
N LYS C 281 -2.40 18.97 -20.34
CA LYS C 281 -1.98 20.15 -21.08
C LYS C 281 -0.84 19.84 -22.06
N GLY C 282 -0.86 18.65 -22.69
CA GLY C 282 0.02 18.32 -23.81
C GLY C 282 1.51 18.50 -23.61
N SER C 283 1.92 18.80 -22.39
CA SER C 283 3.30 19.13 -22.09
C SER C 283 4.23 17.92 -21.94
N LEU C 284 3.78 16.70 -22.26
CA LEU C 284 4.65 15.53 -22.16
C LEU C 284 4.61 14.72 -23.45
N ASN C 285 5.73 14.05 -23.75
CA ASN C 285 5.82 13.08 -24.83
C ASN C 285 5.46 11.68 -24.33
N ASP C 286 5.36 10.73 -25.26
CA ASP C 286 4.90 9.38 -24.92
C ASP C 286 5.85 8.67 -23.95
N ASN C 287 7.14 8.95 -24.01
CA ASN C 287 8.03 8.24 -23.08
C ASN C 287 7.91 8.78 -21.67
N ILE C 288 7.93 10.11 -21.52
CA ILE C 288 7.70 10.70 -20.21
C ILE C 288 6.38 10.19 -19.62
N LEU C 289 5.33 10.13 -20.44
CA LEU C 289 4.02 9.67 -19.95
C LEU C 289 4.09 8.24 -19.42
N THR C 290 4.79 7.36 -20.13
CA THR C 290 4.91 5.99 -19.64
C THR C 290 5.74 5.94 -18.37
N ALA C 291 6.79 6.78 -18.25
CA ALA C 291 7.61 6.81 -17.03
C ALA C 291 6.82 7.30 -15.81
N PHE C 292 5.91 8.26 -16.01
CA PHE C 292 5.05 8.71 -14.92
C PHE C 292 4.02 7.63 -14.55
N MET C 293 3.51 6.89 -15.53
CA MET C 293 2.64 5.77 -15.18
C MET C 293 3.40 4.73 -14.38
N GLU C 294 4.64 4.45 -14.79
CA GLU C 294 5.42 3.40 -14.13
C GLU C 294 5.79 3.81 -12.71
N GLN C 295 6.11 5.09 -12.48
CA GLN C 295 6.41 5.54 -11.13
C GLN C 295 5.17 5.54 -10.26
N LEU C 296 4.02 5.90 -10.83
CA LEU C 296 2.78 5.94 -10.09
C LEU C 296 2.42 4.57 -9.53
N VAL C 297 2.24 3.59 -10.43
CA VAL C 297 1.90 2.24 -9.97
C VAL C 297 3.01 1.65 -9.09
N HIS C 298 4.26 2.07 -9.31
CA HIS C 298 5.36 1.60 -8.48
C HIS C 298 5.24 2.08 -7.03
N GLY C 299 4.59 3.21 -6.80
CA GLY C 299 4.49 3.70 -5.44
C GLY C 299 3.09 3.64 -4.86
N TRP C 300 2.09 3.22 -5.63
CA TRP C 300 0.74 3.45 -5.14
C TRP C 300 0.35 2.43 -4.09
N THR C 301 -0.57 2.84 -3.22
CA THR C 301 -1.03 2.08 -2.08
C THR C 301 -2.56 2.08 -2.10
N VAL C 302 -3.19 1.46 -1.09
CA VAL C 302 -4.64 1.41 -1.07
C VAL C 302 -5.21 2.80 -0.84
N ASP C 303 -4.56 3.59 0.01
CA ASP C 303 -4.96 4.96 0.26
C ASP C 303 -4.85 5.85 -0.97
N THR C 304 -4.10 5.46 -2.01
CA THR C 304 -3.96 6.31 -3.19
C THR C 304 -4.49 5.64 -4.45
N LEU C 305 -5.23 4.56 -4.30
CA LEU C 305 -5.62 3.80 -5.49
C LEU C 305 -6.74 4.49 -6.27
N ARG C 306 -7.74 5.06 -5.59
CA ARG C 306 -8.78 5.77 -6.31
C ARG C 306 -8.20 6.94 -7.11
N PRO C 307 -7.50 7.90 -6.50
CA PRO C 307 -6.94 8.99 -7.33
C PRO C 307 -5.90 8.51 -8.31
N GLY C 308 -5.07 7.52 -7.93
CA GLY C 308 -4.07 7.01 -8.84
C GLY C 308 -4.67 6.47 -10.11
N LEU C 309 -5.88 5.90 -10.01
CA LEU C 309 -6.53 5.33 -11.18
C LEU C 309 -7.04 6.43 -12.13
N VAL C 310 -7.64 7.48 -11.56
CA VAL C 310 -8.01 8.64 -12.34
C VAL C 310 -6.79 9.21 -13.05
N CYS C 311 -5.69 9.35 -12.32
CA CYS C 311 -4.47 9.87 -12.93
C CYS C 311 -4.02 9.00 -14.11
N LEU C 312 -3.99 7.68 -13.90
CA LEU C 312 -3.65 6.78 -15.01
C LEU C 312 -4.55 6.99 -16.22
N THR C 313 -5.86 7.22 -16.01
CA THR C 313 -6.72 7.38 -17.18
C THR C 313 -6.35 8.64 -17.95
N MET C 314 -5.98 9.71 -17.26
CA MET C 314 -5.60 10.93 -17.97
C MET C 314 -4.23 10.77 -18.65
N LEU C 315 -3.29 10.08 -18.00
CA LEU C 315 -2.00 9.83 -18.63
C LEU C 315 -2.14 8.95 -19.87
N ALA C 316 -2.94 7.88 -19.77
CA ALA C 316 -3.18 7.06 -20.94
C ALA C 316 -3.84 7.86 -22.05
N GLN C 317 -4.81 8.70 -21.70
CA GLN C 317 -5.59 9.40 -22.70
C GLN C 317 -4.75 10.34 -23.56
N HIS C 318 -3.61 10.82 -23.05
CA HIS C 318 -2.83 11.78 -23.79
C HIS C 318 -1.56 11.18 -24.40
N ARG C 319 -1.37 9.87 -24.32
CA ARG C 319 -0.36 9.19 -25.12
C ARG C 319 -0.88 9.02 -26.54
N SER C 320 0.03 9.17 -27.52
CA SER C 320 -0.31 8.79 -28.88
C SER C 320 -0.13 7.29 -29.11
N ALA C 321 0.91 6.66 -28.56
CA ALA C 321 0.96 5.21 -28.61
C ALA C 321 -0.19 4.63 -27.80
N LYS C 322 -0.47 3.33 -28.02
CA LYS C 322 -1.73 2.78 -27.55
C LYS C 322 -1.58 1.64 -26.57
N GLN C 323 -0.47 0.90 -26.62
CA GLN C 323 -0.22 -0.17 -25.66
C GLN C 323 0.55 0.37 -24.45
N LEU C 324 0.20 -0.11 -23.26
CA LEU C 324 0.86 0.29 -22.03
C LEU C 324 1.91 -0.74 -21.60
N SER C 325 2.96 -0.26 -20.96
CA SER C 325 4.06 -1.14 -20.57
C SER C 325 3.57 -2.27 -19.67
N GLY C 326 4.36 -3.36 -19.63
CA GLY C 326 3.98 -4.49 -18.80
C GLY C 326 3.94 -4.15 -17.33
N ARG C 327 4.75 -3.19 -16.89
CA ARG C 327 4.76 -2.82 -15.47
C ARG C 327 3.42 -2.23 -15.05
N VAL C 328 2.80 -1.38 -15.89
CA VAL C 328 1.52 -0.83 -15.47
C VAL C 328 0.42 -1.89 -15.53
N ALA C 329 0.40 -2.70 -16.61
CA ALA C 329 -0.60 -3.75 -16.74
C ALA C 329 -0.54 -4.73 -15.57
N LYS C 330 0.66 -5.26 -15.28
CA LYS C 330 0.78 -6.20 -14.16
C LYS C 330 0.41 -5.55 -12.83
N ALA C 331 0.54 -4.23 -12.71
CA ALA C 331 0.08 -3.59 -11.49
C ALA C 331 -1.41 -3.32 -11.54
N VAL C 332 -1.91 -2.86 -12.68
CA VAL C 332 -3.32 -2.48 -12.73
C VAL C 332 -4.22 -3.72 -12.71
N ILE C 333 -3.77 -4.85 -13.27
CA ILE C 333 -4.49 -6.12 -13.24
C ILE C 333 -4.96 -6.53 -11.85
N LYS C 334 -4.44 -5.92 -10.77
CA LYS C 334 -4.78 -6.37 -9.41
C LYS C 334 -5.85 -5.51 -8.77
N VAL C 335 -6.44 -4.58 -9.52
CA VAL C 335 -7.50 -3.73 -8.96
C VAL C 335 -8.77 -4.57 -8.83
N PRO C 336 -9.42 -4.60 -7.64
CA PRO C 336 -10.65 -5.39 -7.50
C PRO C 336 -11.74 -4.90 -8.44
N ASP C 337 -12.11 -5.72 -9.43
CA ASP C 337 -13.13 -5.35 -10.42
C ASP C 337 -12.74 -4.05 -11.15
N LEU C 338 -11.70 -4.18 -11.97
CA LEU C 338 -11.17 -3.05 -12.73
C LEU C 338 -12.20 -2.44 -13.67
N VAL C 339 -13.05 -3.28 -14.28
CA VAL C 339 -13.95 -2.76 -15.31
C VAL C 339 -15.02 -1.85 -14.69
N SER C 340 -15.64 -2.26 -13.58
CA SER C 340 -16.57 -1.38 -12.89
C SER C 340 -15.89 -0.10 -12.42
N SER C 341 -14.61 -0.18 -12.07
CA SER C 341 -13.91 0.99 -11.56
C SER C 341 -13.65 2.00 -12.67
N LEU C 342 -13.30 1.51 -13.85
CA LEU C 342 -13.18 2.40 -15.02
C LEU C 342 -14.54 2.97 -15.41
N ARG C 343 -15.57 2.12 -15.44
CA ARG C 343 -16.93 2.59 -15.74
C ARG C 343 -17.35 3.70 -14.78
N ASP C 344 -17.03 3.56 -13.49
CA ASP C 344 -17.35 4.60 -12.52
C ASP C 344 -16.56 5.88 -12.82
N ILE C 345 -15.29 5.73 -13.19
CA ILE C 345 -14.47 6.90 -13.54
C ILE C 345 -14.99 7.52 -14.84
N SER C 346 -15.38 6.70 -15.81
CA SER C 346 -15.82 7.19 -17.11
C SER C 346 -16.96 8.20 -17.04
N LYS C 347 -17.66 8.31 -15.90
CA LYS C 347 -18.70 9.32 -15.74
C LYS C 347 -18.13 10.72 -15.53
N GLU C 348 -16.81 10.87 -15.40
CA GLU C 348 -16.19 12.19 -15.42
C GLU C 348 -15.04 12.31 -16.40
N HIS C 349 -14.56 11.21 -16.95
CA HIS C 349 -13.36 11.15 -17.76
C HIS C 349 -13.62 10.13 -18.84
N GLN C 350 -12.73 10.10 -19.83
CA GLN C 350 -12.76 9.09 -20.87
C GLN C 350 -11.76 8.01 -20.50
N VAL C 351 -12.19 6.75 -20.57
CA VAL C 351 -11.37 5.64 -20.12
C VAL C 351 -10.96 4.73 -21.26
N ASP C 352 -11.38 5.04 -22.49
CA ASP C 352 -11.19 4.13 -23.61
C ASP C 352 -9.73 3.90 -23.94
N LYS C 353 -8.88 4.89 -23.71
CA LYS C 353 -7.48 4.67 -24.07
C LYS C 353 -6.75 3.85 -23.03
N LEU C 354 -7.01 4.08 -21.74
CA LEU C 354 -6.50 3.17 -20.71
C LEU C 354 -7.07 1.77 -20.90
N ALA C 355 -8.36 1.70 -21.21
CA ALA C 355 -8.99 0.40 -21.40
C ALA C 355 -8.36 -0.34 -22.57
N ASN C 356 -8.11 0.36 -23.67
CA ASN C 356 -7.47 -0.27 -24.81
C ASN C 356 -6.04 -0.67 -24.48
N GLY C 357 -5.25 0.26 -23.93
CA GLY C 357 -3.89 -0.04 -23.56
C GLY C 357 -3.76 -1.25 -22.66
N LEU C 358 -4.74 -1.45 -21.79
CA LEU C 358 -4.74 -2.64 -20.94
C LEU C 358 -5.04 -3.88 -21.73
N VAL C 359 -6.15 -3.87 -22.50
CA VAL C 359 -6.54 -5.07 -23.25
C VAL C 359 -5.40 -5.54 -24.13
N LEU C 360 -4.68 -4.60 -24.78
CA LEU C 360 -3.58 -5.01 -25.64
C LEU C 360 -2.37 -5.51 -24.85
N ALA C 361 -2.11 -4.92 -23.68
CA ALA C 361 -0.96 -5.36 -22.91
C ALA C 361 -1.20 -6.76 -22.35
N PHE C 362 -2.40 -7.03 -21.83
CA PHE C 362 -2.75 -8.37 -21.39
C PHE C 362 -2.72 -9.36 -22.54
N VAL C 363 -3.24 -8.97 -23.70
CA VAL C 363 -3.12 -9.79 -24.91
C VAL C 363 -1.65 -10.06 -25.23
N ASP C 364 -0.82 -9.02 -25.18
CA ASP C 364 0.61 -9.20 -25.44
C ASP C 364 1.25 -10.13 -24.42
N ARG C 365 0.92 -9.97 -23.14
CA ARG C 365 1.46 -10.88 -22.15
C ARG C 365 0.99 -12.31 -22.40
N LEU C 366 -0.26 -12.47 -22.86
CA LEU C 366 -0.74 -13.82 -23.16
C LEU C 366 -0.02 -14.42 -24.36
N ALA C 367 0.25 -13.63 -25.40
CA ALA C 367 0.95 -14.17 -26.56
C ALA C 367 2.39 -14.56 -26.24
N LYS C 368 3.05 -13.87 -25.31
CA LYS C 368 4.45 -14.11 -25.06
C LYS C 368 4.70 -15.08 -23.90
N LYS C 369 3.73 -15.30 -23.00
CA LYS C 369 3.99 -16.04 -21.78
C LYS C 369 2.93 -17.07 -21.39
N GLY C 370 1.88 -17.26 -22.19
CA GLY C 370 0.88 -18.31 -21.89
C GLY C 370 0.19 -18.22 -20.55
N ASP C 371 -0.20 -17.01 -20.14
CA ASP C 371 -0.73 -16.76 -18.81
C ASP C 371 -2.23 -16.51 -18.88
N ILE C 372 -3.02 -17.40 -18.22
CA ILE C 372 -4.47 -17.30 -18.25
C ILE C 372 -4.99 -16.29 -17.22
N ARG C 373 -4.17 -15.88 -16.26
CA ARG C 373 -4.66 -14.88 -15.32
C ARG C 373 -5.17 -13.64 -16.06
N THR C 374 -4.73 -13.44 -17.32
CA THR C 374 -5.17 -12.31 -18.12
C THR C 374 -6.53 -12.54 -18.79
N LEU C 375 -6.83 -13.77 -19.20
CA LEU C 375 -8.08 -14.07 -19.91
C LEU C 375 -9.32 -13.48 -19.25
N PRO C 376 -9.58 -13.66 -17.95
CA PRO C 376 -10.78 -13.04 -17.36
C PRO C 376 -10.86 -11.54 -17.56
N VAL C 377 -9.77 -10.81 -17.29
CA VAL C 377 -9.83 -9.37 -17.44
C VAL C 377 -9.89 -8.99 -18.92
N ILE C 378 -9.26 -9.77 -19.80
CA ILE C 378 -9.35 -9.52 -21.23
C ILE C 378 -10.80 -9.63 -21.68
N ASN C 379 -11.48 -10.67 -21.22
CA ASN C 379 -12.89 -10.89 -21.51
C ASN C 379 -13.74 -9.77 -20.91
N SER C 380 -13.45 -9.40 -19.66
CA SER C 380 -14.16 -8.30 -19.02
C SER C 380 -14.00 -7.02 -19.83
N LEU C 381 -12.79 -6.76 -20.33
CA LEU C 381 -12.52 -5.48 -20.98
C LEU C 381 -13.12 -5.44 -22.38
N LEU C 382 -12.93 -6.51 -23.16
CA LEU C 382 -13.57 -6.57 -24.47
C LEU C 382 -15.06 -6.31 -24.36
N LEU C 383 -15.76 -7.10 -23.55
CA LEU C 383 -17.21 -7.00 -23.39
C LEU C 383 -17.65 -5.79 -22.60
N SER C 384 -16.72 -4.99 -22.08
CA SER C 384 -17.11 -3.90 -21.18
C SER C 384 -17.90 -2.81 -21.90
N GLU C 385 -17.78 -2.70 -23.22
CA GLU C 385 -18.28 -1.56 -24.00
C GLU C 385 -17.61 -0.25 -23.57
N LEU C 386 -16.45 -0.33 -22.94
CA LEU C 386 -15.60 0.82 -22.71
C LEU C 386 -14.63 1.07 -23.84
N LEU C 387 -14.39 0.07 -24.68
CA LEU C 387 -13.57 0.26 -25.87
C LEU C 387 -14.42 0.75 -27.03
N GLN C 388 -13.79 1.54 -27.90
CA GLN C 388 -14.41 1.89 -29.16
C GLN C 388 -14.44 0.67 -30.08
N GLU C 389 -15.43 0.65 -30.99
CA GLU C 389 -15.55 -0.46 -31.94
C GLU C 389 -14.23 -0.73 -32.64
N LYS C 390 -13.64 0.29 -33.26
CA LYS C 390 -12.35 0.09 -33.92
C LYS C 390 -11.34 -0.53 -32.95
N GLN C 391 -11.38 -0.11 -31.68
CA GLN C 391 -10.42 -0.64 -30.72
C GLN C 391 -10.70 -2.10 -30.38
N ALA C 392 -11.97 -2.45 -30.13
CA ALA C 392 -12.30 -3.83 -29.76
C ALA C 392 -11.93 -4.80 -30.88
N LYS C 393 -12.18 -4.42 -32.13
CA LYS C 393 -11.87 -5.33 -33.23
C LYS C 393 -10.37 -5.48 -33.43
N VAL C 394 -9.63 -4.39 -33.35
CA VAL C 394 -8.17 -4.50 -33.41
C VAL C 394 -7.66 -5.39 -32.27
N ALA C 395 -8.34 -5.34 -31.12
CA ALA C 395 -7.95 -6.12 -29.95
C ALA C 395 -8.24 -7.60 -30.16
N TYR C 396 -9.47 -7.91 -30.60
CA TYR C 396 -9.81 -9.29 -30.91
C TYR C 396 -8.84 -9.87 -31.92
N LYS C 397 -8.59 -9.15 -33.02
CA LYS C 397 -7.63 -9.65 -34.00
C LYS C 397 -6.30 -9.96 -33.35
N ALA C 398 -5.85 -9.10 -32.43
CA ALA C 398 -4.58 -9.32 -31.76
C ALA C 398 -4.64 -10.57 -30.88
N LEU C 399 -5.74 -10.75 -30.16
CA LEU C 399 -5.98 -12.00 -29.44
C LEU C 399 -5.88 -13.20 -30.36
N LEU C 400 -6.45 -13.11 -31.57
CA LEU C 400 -6.40 -14.22 -32.53
C LEU C 400 -4.95 -14.55 -32.88
N LEU C 401 -4.17 -13.55 -33.26
CA LEU C 401 -2.76 -13.76 -33.51
C LEU C 401 -2.07 -14.35 -32.29
N ALA C 402 -2.53 -13.98 -31.10
CA ALA C 402 -1.90 -14.47 -29.87
C ALA C 402 -2.11 -15.97 -29.71
N ALA C 403 -3.33 -16.45 -30.01
CA ALA C 403 -3.63 -17.87 -29.84
C ALA C 403 -2.69 -18.73 -30.69
N HIS C 404 -2.29 -18.27 -31.87
CA HIS C 404 -1.31 -19.02 -32.66
C HIS C 404 0.01 -19.15 -31.92
N LYS C 405 0.45 -18.09 -31.23
CA LYS C 405 1.80 -18.03 -30.67
C LYS C 405 2.04 -19.02 -29.54
N ILE C 406 1.00 -19.65 -28.99
CA ILE C 406 1.21 -20.63 -27.92
C ILE C 406 1.78 -21.91 -28.52
N ASP C 407 2.85 -22.41 -27.92
CA ASP C 407 3.45 -23.65 -28.38
C ASP C 407 3.23 -24.72 -27.32
N ASP C 408 2.75 -25.87 -27.76
CA ASP C 408 2.45 -27.00 -26.90
C ASP C 408 3.68 -27.44 -26.11
N ASN C 409 3.87 -26.81 -24.95
CA ASN C 409 4.96 -27.14 -24.03
C ASN C 409 4.48 -28.18 -23.02
N VAL C 410 3.51 -27.81 -22.17
CA VAL C 410 2.95 -28.75 -21.20
C VAL C 410 1.71 -29.40 -21.81
N ASP C 411 1.21 -30.48 -21.19
CA ASP C 411 0.04 -31.17 -21.71
C ASP C 411 -1.26 -30.54 -21.24
N ALA C 412 -1.23 -29.86 -20.10
CA ALA C 412 -2.30 -28.93 -19.74
C ALA C 412 -2.25 -27.63 -20.63
N ASP C 413 -1.36 -27.57 -21.64
CA ASP C 413 -1.40 -26.56 -22.70
C ASP C 413 -2.48 -26.86 -23.73
N GLY C 414 -2.94 -28.11 -23.78
CA GLY C 414 -4.22 -28.38 -24.41
C GLY C 414 -5.36 -27.70 -23.67
N ASN C 415 -5.18 -27.43 -22.37
CA ASN C 415 -6.22 -26.70 -21.63
C ASN C 415 -5.98 -25.19 -21.56
N ILE C 416 -4.73 -24.71 -21.64
CA ILE C 416 -4.56 -23.31 -22.04
C ILE C 416 -5.14 -23.08 -23.42
N ARG C 417 -4.99 -24.06 -24.31
CA ARG C 417 -5.65 -24.00 -25.60
C ARG C 417 -7.16 -24.11 -25.43
N LYS C 418 -7.61 -24.93 -24.49
CA LYS C 418 -9.04 -25.00 -24.22
C LYS C 418 -9.55 -23.69 -23.66
N GLN C 419 -8.92 -23.16 -22.59
CA GLN C 419 -9.39 -21.90 -22.01
C GLN C 419 -9.26 -20.74 -23.01
N VAL C 420 -8.21 -20.75 -23.85
CA VAL C 420 -8.11 -19.71 -24.89
C VAL C 420 -9.18 -19.92 -25.95
N GLY C 421 -9.25 -21.14 -26.49
CA GLY C 421 -10.31 -21.45 -27.45
C GLY C 421 -11.70 -21.15 -26.93
N SER C 422 -11.97 -21.51 -25.67
CA SER C 422 -13.30 -21.26 -25.12
C SER C 422 -13.58 -19.77 -25.02
N ALA C 423 -12.59 -19.01 -24.54
CA ALA C 423 -12.77 -17.58 -24.34
C ALA C 423 -13.00 -16.86 -25.68
N LEU C 424 -12.26 -17.25 -26.72
CA LEU C 424 -12.48 -16.70 -28.05
C LEU C 424 -13.92 -16.90 -28.49
N VAL C 425 -14.41 -18.13 -28.34
CA VAL C 425 -15.69 -18.50 -28.92
C VAL C 425 -16.84 -17.92 -28.09
N ARG C 426 -16.77 -18.00 -26.76
CA ARG C 426 -17.83 -17.36 -25.97
C ARG C 426 -17.81 -15.84 -26.13
N LEU C 427 -16.65 -15.27 -26.47
CA LEU C 427 -16.61 -13.86 -26.87
C LEU C 427 -17.42 -13.62 -28.14
N SER C 428 -17.11 -14.38 -29.21
CA SER C 428 -17.75 -14.20 -30.51
C SER C 428 -19.25 -14.43 -30.47
N GLN C 429 -19.75 -15.12 -29.45
CA GLN C 429 -21.19 -15.30 -29.27
C GLN C 429 -21.75 -14.37 -28.20
N ALA C 430 -21.22 -13.16 -28.10
CA ALA C 430 -21.76 -12.17 -27.20
C ALA C 430 -23.01 -11.54 -27.81
N GLU C 431 -23.76 -10.84 -26.95
CA GLU C 431 -25.13 -10.46 -27.27
C GLU C 431 -25.22 -9.15 -28.06
N GLY C 432 -24.51 -8.10 -27.62
CA GLY C 432 -24.83 -6.77 -28.10
C GLY C 432 -23.88 -6.08 -29.08
N ASP C 433 -23.51 -4.84 -28.74
CA ASP C 433 -22.68 -4.02 -29.63
C ASP C 433 -21.31 -4.64 -29.85
N VAL C 434 -20.65 -5.09 -28.78
CA VAL C 434 -19.33 -5.69 -28.93
C VAL C 434 -19.40 -6.98 -29.74
N GLY C 435 -20.43 -7.80 -29.51
CA GLY C 435 -20.58 -9.02 -30.28
C GLY C 435 -20.64 -8.78 -31.77
N ASP C 436 -21.43 -7.80 -32.19
CA ASP C 436 -21.48 -7.45 -33.62
C ASP C 436 -20.11 -7.01 -34.12
N ALA C 437 -19.41 -6.18 -33.34
CA ALA C 437 -18.07 -5.77 -33.71
C ALA C 437 -17.12 -6.97 -33.79
N ILE C 438 -17.30 -7.96 -32.92
CA ILE C 438 -16.38 -9.08 -32.88
C ILE C 438 -16.47 -9.89 -34.18
N ARG C 439 -17.69 -10.15 -34.65
CA ARG C 439 -17.83 -10.99 -35.85
C ARG C 439 -17.59 -10.24 -37.16
N THR C 440 -17.90 -8.94 -37.20
CA THR C 440 -17.41 -8.14 -38.32
C THR C 440 -15.88 -8.17 -38.39
N ALA C 441 -15.24 -8.34 -37.23
CA ALA C 441 -13.80 -8.54 -37.22
C ALA C 441 -13.43 -9.95 -37.70
N ILE C 442 -14.32 -10.92 -37.47
CA ILE C 442 -14.09 -12.26 -38.00
C ILE C 442 -14.31 -12.28 -39.51
N GLN C 443 -15.38 -11.63 -39.99
CA GLN C 443 -15.60 -11.55 -41.42
C GLN C 443 -14.43 -10.87 -42.12
N GLU C 444 -13.81 -9.90 -41.45
CA GLU C 444 -12.64 -9.22 -42.01
C GLU C 444 -11.39 -10.09 -41.96
N VAL C 445 -11.30 -11.04 -41.02
CA VAL C 445 -10.06 -11.81 -40.95
C VAL C 445 -10.09 -12.99 -41.92
N ASP C 446 -11.26 -13.65 -42.08
CA ASP C 446 -11.63 -14.65 -43.14
C ASP C 446 -12.70 -15.53 -42.51
N ASP D 9 -6.32 11.52 -32.69
CA ASP D 9 -5.57 12.07 -31.56
C ASP D 9 -6.49 12.69 -30.49
N THR D 10 -5.94 12.90 -29.29
CA THR D 10 -6.61 13.64 -28.23
C THR D 10 -5.95 15.00 -28.06
N HIS D 11 -6.76 16.05 -27.98
CA HIS D 11 -6.26 17.41 -27.86
C HIS D 11 -6.01 17.77 -26.40
N ALA D 12 -4.93 18.50 -26.17
CA ALA D 12 -4.73 19.17 -24.88
C ALA D 12 -5.98 19.94 -24.50
N VAL D 13 -6.40 19.84 -23.24
CA VAL D 13 -7.58 20.58 -22.81
C VAL D 13 -7.20 22.03 -22.56
N VAL D 14 -8.22 22.88 -22.61
CA VAL D 14 -8.07 24.32 -22.47
C VAL D 14 -8.78 24.71 -21.18
N VAL D 15 -8.02 25.27 -20.24
CA VAL D 15 -8.63 25.76 -19.00
C VAL D 15 -8.04 27.13 -18.68
N ALA D 16 -8.91 28.05 -18.25
CA ALA D 16 -8.32 29.36 -17.98
C ALA D 16 -7.69 29.34 -16.60
N PRO D 17 -6.55 30.01 -16.41
CA PRO D 17 -5.90 29.96 -15.09
C PRO D 17 -6.84 30.25 -13.94
N GLN D 18 -7.79 31.19 -14.10
CA GLN D 18 -8.61 31.61 -12.98
C GLN D 18 -9.55 30.48 -12.50
N ARG D 19 -9.89 29.50 -13.35
CA ARG D 19 -10.68 28.37 -12.87
C ARG D 19 -9.86 27.52 -11.90
N LEU D 20 -8.58 27.29 -12.23
CA LEU D 20 -7.70 26.54 -11.34
C LEU D 20 -7.34 27.32 -10.08
N ALA D 21 -7.22 28.64 -10.17
CA ALA D 21 -6.98 29.45 -8.97
C ALA D 21 -8.17 29.42 -8.02
N GLU D 22 -9.40 29.29 -8.55
CA GLU D 22 -10.60 29.32 -7.71
C GLU D 22 -10.67 28.14 -6.78
N ILE D 23 -10.02 27.03 -7.16
CA ILE D 23 -10.05 25.82 -6.35
C ILE D 23 -9.24 26.00 -5.07
N PHE D 24 -8.11 26.70 -5.16
CA PHE D 24 -7.14 26.79 -4.07
C PHE D 24 -7.24 28.06 -3.22
N ASN D 25 -8.06 29.03 -3.58
CA ASN D 25 -8.30 30.12 -2.63
C ASN D 25 -9.74 30.10 -2.14
N ALA D 26 -10.32 28.90 -2.07
CA ALA D 26 -11.57 28.69 -1.35
C ALA D 26 -11.37 28.76 0.16
N ALA D 27 -10.16 28.57 0.67
CA ALA D 27 -9.86 28.62 2.10
C ALA D 27 -8.37 28.80 2.27
N PRO D 28 -7.90 29.09 3.48
CA PRO D 28 -6.47 28.87 3.76
C PRO D 28 -6.13 27.38 3.70
N ALA D 29 -4.87 27.10 3.35
CA ALA D 29 -4.41 25.71 3.19
C ALA D 29 -4.76 24.82 4.39
N PHE D 30 -4.72 25.35 5.62
CA PHE D 30 -5.13 24.53 6.76
C PHE D 30 -6.64 24.33 6.88
N ALA D 31 -7.46 25.06 6.14
CA ALA D 31 -8.91 24.88 6.17
C ALA D 31 -9.47 24.29 4.89
N MET D 32 -8.62 23.79 4.01
CA MET D 32 -9.05 23.23 2.74
C MET D 32 -9.67 21.85 2.94
N PRO D 33 -10.42 21.33 1.96
CA PRO D 33 -10.94 19.95 2.05
C PRO D 33 -9.81 18.95 1.94
N PRO D 34 -10.07 17.69 2.30
CA PRO D 34 -9.05 16.64 2.09
C PRO D 34 -8.47 16.67 0.66
N ILE D 35 -7.20 16.26 0.56
CA ILE D 35 -6.49 16.36 -0.70
C ILE D 35 -7.16 15.53 -1.79
N GLU D 36 -7.85 14.45 -1.43
CA GLU D 36 -8.65 13.73 -2.42
C GLU D 36 -9.73 14.62 -3.01
N ASP D 37 -10.47 15.32 -2.15
CA ASP D 37 -11.53 16.18 -2.65
C ASP D 37 -10.98 17.18 -3.65
N VAL D 38 -9.87 17.84 -3.28
CA VAL D 38 -9.23 18.81 -4.16
C VAL D 38 -8.71 18.13 -5.42
N PHE D 39 -8.11 16.93 -5.29
CA PHE D 39 -7.58 16.27 -6.47
C PHE D 39 -8.68 16.07 -7.51
N TYR D 40 -9.87 15.68 -7.06
CA TYR D 40 -10.95 15.38 -7.99
C TYR D 40 -11.50 16.64 -8.63
N GLN D 41 -11.59 17.74 -7.87
CA GLN D 41 -11.93 19.03 -8.46
C GLN D 41 -10.98 19.36 -9.61
N VAL D 42 -9.66 19.26 -9.34
CA VAL D 42 -8.65 19.61 -10.33
C VAL D 42 -8.71 18.69 -11.53
N ALA D 43 -8.81 17.39 -11.31
CA ALA D 43 -8.78 16.47 -12.45
C ALA D 43 -10.01 16.66 -13.32
N SER D 44 -11.15 16.99 -12.71
CA SER D 44 -12.37 17.19 -13.48
C SER D 44 -12.27 18.47 -14.30
N LEU D 45 -11.77 19.53 -13.69
CA LEU D 45 -11.45 20.73 -14.45
C LEU D 45 -10.65 20.42 -15.71
N PHE D 46 -9.73 19.44 -15.64
CA PHE D 46 -8.87 19.12 -16.76
C PHE D 46 -9.34 17.92 -17.53
N SER D 47 -10.57 17.49 -17.26
CA SER D 47 -11.12 16.31 -17.91
C SER D 47 -11.31 16.52 -19.41
N THR D 48 -11.20 15.43 -20.17
CA THR D 48 -11.64 15.40 -21.55
C THR D 48 -13.01 14.71 -21.67
N LYS D 49 -14.03 15.32 -21.07
CA LYS D 49 -15.44 14.88 -21.22
C LYS D 49 -15.69 13.36 -20.98
#